data_5Y2A
#
_entry.id   5Y2A
#
_cell.length_a   72.637
_cell.length_b   90.654
_cell.length_c   74.856
_cell.angle_alpha   90.000
_cell.angle_beta   116.410
_cell.angle_gamma   90.000
#
_symmetry.space_group_name_H-M   'P 1 21 1'
#
loop_
_entity.id
_entity.type
_entity.pdbx_description
1 polymer 'insect group II chitinase'
2 branched alpha-D-mannopyranose-(1-2)-alpha-D-mannopyranose-(1-2)-alpha-D-mannopyranose-(1-3)-alpha-D-mannopyranose-(1-4)-2-acetamido-2-deoxy-beta-D-glucopyranose-(1-4)-2-acetamido-2-deoxy-beta-D-glucopyranose
3 water water
#
_entity_poly.entity_id   1
_entity_poly.type   'polypeptide(L)'
_entity_poly.pdbx_seq_one_letter_code
;ERFKVVCYYTNWAWYRPDNGKYTPGDINPELCTHIIYAFAVLDKEELVIKSHDIWLDVENKFYEKVTALKSHGVKVLLGL
GGWDDSAGDKYSRLVNNVSARRKFVVHAVDFLEQYGFDGLDLDWEYPKCWQVECEKGPDSDKQGFADLVKELRKAFNRRG
MLLSAAVSASKRVIDYAYNVPALSMNLDWISLMTYDYHGQWDKKTGHVAPMYVHDKDTDNTFNVNFTVNYWINKGADRKK
LVVGVPFYGQSFSVVEGAGTGLGAPTYAGGEAGDETRARGFLSFYEICERVKVKGWKVHRDPGGRIGPYATHDDQWVSFD
DDFMARHKAEYVRAMELGGSMAWSLDLDDFTGKYCGCGKAPLLTTINHVLRGKEAPPPCILHE
;
_entity_poly.pdbx_strand_id   A,B
#
# COMPACT_ATOMS: atom_id res chain seq x y z
N GLU A 1 5.55 30.95 23.94
CA GLU A 1 5.95 30.56 22.59
C GLU A 1 7.44 30.16 22.58
N ARG A 2 7.98 29.78 23.75
CA ARG A 2 9.37 29.27 23.82
C ARG A 2 9.53 27.93 23.09
N PHE A 3 8.61 27.02 23.27
CA PHE A 3 8.70 25.72 22.60
C PHE A 3 7.47 25.51 21.73
N LYS A 4 7.68 24.97 20.54
CA LYS A 4 6.57 24.65 19.64
C LYS A 4 6.10 23.22 19.85
N VAL A 5 4.80 23.00 19.63
CA VAL A 5 4.25 21.66 19.49
C VAL A 5 3.57 21.64 18.12
N VAL A 6 4.23 21.02 17.15
CA VAL A 6 3.81 21.03 15.76
C VAL A 6 3.00 19.76 15.52
N CYS A 7 1.70 19.90 15.22
CA CYS A 7 0.78 18.77 15.12
C CYS A 7 0.46 18.51 13.65
N TYR A 8 0.69 17.28 13.19
CA TYR A 8 0.25 16.89 11.87
C TYR A 8 -1.18 16.38 11.93
N TYR A 9 -2.07 17.01 11.16
CA TYR A 9 -3.42 16.57 10.91
C TYR A 9 -3.42 15.91 9.54
N THR A 10 -3.98 14.70 9.41
CA THR A 10 -3.98 13.99 8.14
C THR A 10 -5.40 13.90 7.58
N ASN A 11 -5.59 14.42 6.36
CA ASN A 11 -6.92 14.45 5.77
C ASN A 11 -7.48 13.04 5.49
N TRP A 12 -6.62 12.07 5.20
CA TRP A 12 -7.09 10.70 4.94
C TRP A 12 -7.55 9.95 6.19
N ALA A 13 -7.39 10.50 7.39
CA ALA A 13 -7.91 9.86 8.60
C ALA A 13 -9.43 9.84 8.66
N TRP A 14 -10.09 10.61 7.79
CA TRP A 14 -11.55 10.55 7.69
C TRP A 14 -12.02 9.22 7.12
N TYR A 15 -11.21 8.59 6.26
CA TYR A 15 -11.58 7.36 5.56
C TYR A 15 -11.22 6.13 6.41
N ARG A 16 -11.75 6.12 7.62
CA ARG A 16 -11.39 5.15 8.63
C ARG A 16 -12.63 4.67 9.35
N PRO A 17 -12.64 3.41 9.83
CA PRO A 17 -13.83 2.93 10.54
C PRO A 17 -14.11 3.84 11.72
N ASP A 18 -15.40 3.95 12.06
CA ASP A 18 -15.87 5.01 12.96
C ASP A 18 -15.00 5.20 14.19
N ASN A 19 -14.50 4.12 14.79
CA ASN A 19 -13.76 4.30 16.03
C ASN A 19 -12.42 5.01 15.79
N GLY A 20 -11.88 4.91 14.58
CA GLY A 20 -10.64 5.57 14.19
C GLY A 20 -10.81 6.87 13.42
N LYS A 21 -12.05 7.17 13.02
CA LYS A 21 -12.31 8.35 12.20
C LYS A 21 -11.88 9.63 12.91
N TYR A 22 -11.13 10.46 12.20
CA TYR A 22 -10.62 11.72 12.75
C TYR A 22 -10.99 12.84 11.80
N THR A 23 -11.67 13.86 12.32
CA THR A 23 -12.15 14.98 11.54
C THR A 23 -11.59 16.28 12.10
N PRO A 24 -11.73 17.42 11.40
CA PRO A 24 -11.29 18.69 12.00
C PRO A 24 -11.90 18.97 13.36
N GLY A 25 -13.11 18.50 13.62
CA GLY A 25 -13.74 18.66 14.92
C GLY A 25 -13.10 17.86 16.03
N ASP A 26 -12.24 16.91 15.71
CA ASP A 26 -11.51 16.17 16.74
C ASP A 26 -10.23 16.89 17.18
N ILE A 27 -9.78 17.90 16.45
CA ILE A 27 -8.58 18.62 16.85
C ILE A 27 -8.85 19.36 18.15
N ASN A 28 -7.95 19.19 19.12
CA ASN A 28 -7.96 20.02 20.32
C ASN A 28 -6.90 21.10 20.14
N PRO A 29 -7.28 22.33 19.78
CA PRO A 29 -6.27 23.34 19.45
C PRO A 29 -5.42 23.76 20.64
N GLU A 30 -5.89 23.53 21.87
CA GLU A 30 -5.09 23.82 23.04
C GLU A 30 -3.82 22.98 23.10
N LEU A 31 -3.79 21.86 22.38
CA LEU A 31 -2.67 20.93 22.44
C LEU A 31 -1.65 21.14 21.31
N CYS A 32 -1.80 22.20 20.53
CA CYS A 32 -0.88 22.48 19.42
C CYS A 32 -0.55 23.96 19.43
N THR A 33 0.70 24.29 19.08
CA THR A 33 1.01 25.67 18.72
C THR A 33 0.92 25.89 17.22
N HIS A 34 1.18 24.84 16.45
CA HIS A 34 1.12 24.88 15.00
C HIS A 34 0.46 23.58 14.52
N ILE A 35 -0.41 23.69 13.52
CA ILE A 35 -1.04 22.54 12.90
C ILE A 35 -0.61 22.51 11.44
N ILE A 36 -0.21 21.33 10.95
CA ILE A 36 0.14 21.14 9.55
C ILE A 36 -0.95 20.26 8.93
N TYR A 37 -1.55 20.76 7.85
CA TYR A 37 -2.59 20.03 7.12
C TYR A 37 -1.90 19.14 6.09
N ALA A 38 -1.85 17.82 6.38
CA ALA A 38 -1.22 16.85 5.50
C ALA A 38 -2.29 16.08 4.73
N PHE A 39 -2.16 15.98 3.40
CA PHE A 39 -1.14 16.64 2.58
C PHE A 39 -1.80 17.23 1.34
N ALA A 40 -1.25 18.35 0.86
CA ALA A 40 -1.43 18.72 -0.54
C ALA A 40 -0.33 18.06 -1.37
N VAL A 41 -0.50 18.08 -2.70
CA VAL A 41 0.43 17.41 -3.60
C VAL A 41 0.85 18.34 -4.72
N LEU A 42 1.92 17.94 -5.41
CA LEU A 42 2.46 18.70 -6.53
C LEU A 42 1.87 18.17 -7.83
N ASP A 43 1.19 19.05 -8.58
CA ASP A 43 0.68 18.63 -9.88
C ASP A 43 1.83 18.23 -10.79
N LYS A 44 1.73 17.03 -11.38
CA LYS A 44 2.82 16.48 -12.18
C LYS A 44 3.10 17.36 -13.39
N GLU A 45 2.06 17.95 -13.98
CA GLU A 45 2.17 18.73 -15.20
C GLU A 45 2.52 20.18 -14.94
N GLU A 46 1.76 20.84 -14.07
CA GLU A 46 1.93 22.27 -13.85
C GLU A 46 2.99 22.60 -12.81
N LEU A 47 3.39 21.61 -12.00
CA LEU A 47 4.36 21.80 -10.93
C LEU A 47 3.94 22.93 -9.99
N VAL A 48 2.68 22.87 -9.56
CA VAL A 48 2.14 23.76 -8.54
C VAL A 48 1.35 22.95 -7.54
N ILE A 49 1.11 23.56 -6.37
CA ILE A 49 0.32 22.91 -5.33
C ILE A 49 -1.09 22.65 -5.82
N LYS A 50 -1.61 21.47 -5.50
CA LYS A 50 -3.02 21.17 -5.70
C LYS A 50 -3.52 20.29 -4.57
N SER A 51 -4.82 20.35 -4.33
CA SER A 51 -5.43 19.49 -3.33
C SER A 51 -5.34 18.04 -3.77
N HIS A 52 -5.05 17.16 -2.83
CA HIS A 52 -5.01 15.73 -3.11
C HIS A 52 -6.39 15.09 -2.96
N ASP A 53 -7.35 15.82 -2.39
CA ASP A 53 -8.68 15.28 -2.13
C ASP A 53 -9.66 16.47 -2.19
N ILE A 54 -10.05 16.83 -3.42
CA ILE A 54 -10.95 17.97 -3.60
C ILE A 54 -12.24 17.77 -2.81
N TRP A 55 -12.74 16.54 -2.78
CA TRP A 55 -14.02 16.28 -2.14
C TRP A 55 -13.97 16.59 -0.65
N LEU A 56 -12.92 16.15 0.05
CA LEU A 56 -12.79 16.48 1.47
C LEU A 56 -12.27 17.89 1.68
N ASP A 57 -11.14 18.22 1.05
CA ASP A 57 -10.42 19.45 1.38
C ASP A 57 -11.24 20.69 1.02
N VAL A 58 -11.94 20.63 -0.11
CA VAL A 58 -12.57 21.81 -0.70
C VAL A 58 -14.09 21.70 -0.65
N GLU A 59 -14.65 20.66 -1.28
CA GLU A 59 -16.10 20.50 -1.32
C GLU A 59 -16.69 20.44 0.08
N ASN A 60 -16.08 19.66 0.98
CA ASN A 60 -16.54 19.55 2.35
C ASN A 60 -15.78 20.48 3.29
N LYS A 61 -14.98 21.39 2.74
CA LYS A 61 -14.45 22.56 3.45
C LYS A 61 -13.46 22.19 4.55
N PHE A 62 -12.76 21.06 4.42
CA PHE A 62 -11.86 20.66 5.51
C PHE A 62 -10.69 21.62 5.66
N TYR A 63 -10.16 22.13 4.53
CA TYR A 63 -9.13 23.16 4.58
C TYR A 63 -9.57 24.32 5.48
N GLU A 64 -10.73 24.90 5.17
CA GLU A 64 -11.21 26.08 5.90
C GLU A 64 -11.56 25.74 7.34
N LYS A 65 -12.08 24.54 7.57
CA LYS A 65 -12.44 24.16 8.93
C LYS A 65 -11.20 24.03 9.82
N VAL A 66 -10.07 23.63 9.25
CA VAL A 66 -8.85 23.55 10.06
C VAL A 66 -8.21 24.94 10.23
N THR A 67 -8.13 25.74 9.15
CA THR A 67 -7.53 27.08 9.32
C THR A 67 -8.38 27.97 10.21
N ALA A 68 -9.67 27.69 10.36
CA ALA A 68 -10.51 28.44 11.28
C ALA A 68 -10.03 28.33 12.72
N LEU A 69 -9.24 27.31 13.05
CA LEU A 69 -8.73 27.15 14.40
C LEU A 69 -7.73 28.22 14.78
N LYS A 70 -7.27 29.04 13.83
CA LYS A 70 -6.36 30.12 14.20
C LYS A 70 -7.01 31.10 15.16
N SER A 71 -8.34 31.13 15.25
CA SER A 71 -9.00 31.95 16.27
C SER A 71 -8.64 31.47 17.68
N HIS A 72 -8.14 30.24 17.81
CA HIS A 72 -7.62 29.72 19.07
C HIS A 72 -6.15 30.04 19.26
N GLY A 73 -5.55 30.82 18.37
CA GLY A 73 -4.16 31.19 18.52
C GLY A 73 -3.17 30.18 18.01
N VAL A 74 -3.61 29.22 17.21
CA VAL A 74 -2.70 28.27 16.60
C VAL A 74 -2.40 28.77 15.20
N LYS A 75 -1.21 28.47 14.71
CA LYS A 75 -0.86 28.73 13.32
C LYS A 75 -1.16 27.47 12.53
N VAL A 76 -1.78 27.64 11.36
CA VAL A 76 -2.20 26.51 10.52
C VAL A 76 -1.52 26.62 9.17
N LEU A 77 -0.68 25.63 8.84
CA LEU A 77 0.05 25.58 7.58
C LEU A 77 -0.42 24.41 6.75
N LEU A 78 -0.22 24.52 5.44
CA LEU A 78 -0.51 23.42 4.53
C LEU A 78 0.77 22.61 4.32
N GLY A 79 0.66 21.29 4.46
CA GLY A 79 1.78 20.41 4.19
C GLY A 79 1.74 19.94 2.75
N LEU A 80 2.89 20.03 2.07
CA LEU A 80 3.02 19.64 0.68
C LEU A 80 3.93 18.43 0.57
N GLY A 81 3.46 17.39 -0.12
CA GLY A 81 4.30 16.25 -0.40
C GLY A 81 3.95 15.01 0.40
N GLY A 82 4.87 14.54 1.24
CA GLY A 82 4.74 13.26 1.89
C GLY A 82 5.39 12.16 1.08
N TRP A 83 5.48 10.97 1.71
CA TRP A 83 6.16 9.85 1.08
C TRP A 83 5.54 9.48 -0.26
N ASP A 84 4.20 9.34 -0.30
CA ASP A 84 3.56 8.86 -1.51
C ASP A 84 3.69 9.85 -2.67
N ASP A 85 3.64 11.14 -2.37
CA ASP A 85 3.75 12.11 -3.45
C ASP A 85 5.18 12.32 -3.91
N SER A 86 6.16 11.73 -3.24
CA SER A 86 7.56 11.95 -3.55
C SER A 86 8.10 10.92 -4.51
N ALA A 87 7.24 10.05 -5.05
CA ALA A 87 7.70 9.13 -6.08
C ALA A 87 7.95 9.88 -7.37
N GLY A 88 9.01 9.54 -8.08
CA GLY A 88 9.27 10.17 -9.36
C GLY A 88 10.02 11.47 -9.24
N ASP A 89 10.12 12.16 -10.38
CA ASP A 89 11.06 13.26 -10.54
C ASP A 89 10.41 14.64 -10.49
N LYS A 90 9.09 14.73 -10.23
CA LYS A 90 8.40 16.00 -10.41
C LYS A 90 8.95 17.08 -9.49
N TYR A 91 9.27 16.73 -8.24
CA TYR A 91 9.87 17.74 -7.36
C TYR A 91 11.25 18.13 -7.86
N SER A 92 12.02 17.17 -8.36
CA SER A 92 13.34 17.49 -8.94
C SER A 92 13.19 18.38 -10.16
N ARG A 93 12.18 18.11 -11.00
CA ARG A 93 11.96 18.95 -12.16
C ARG A 93 11.57 20.36 -11.74
N LEU A 94 10.85 20.49 -10.63
CA LEU A 94 10.49 21.82 -10.13
C LEU A 94 11.73 22.59 -9.66
N VAL A 95 12.50 22.01 -8.73
CA VAL A 95 13.54 22.80 -8.08
C VAL A 95 14.73 23.06 -9.01
N ASN A 96 14.90 22.27 -10.06
CA ASN A 96 16.02 22.44 -10.97
C ASN A 96 15.70 23.36 -12.15
N ASN A 97 14.53 23.97 -12.18
CA ASN A 97 14.13 24.87 -13.26
C ASN A 97 13.76 26.21 -12.64
N VAL A 98 14.50 27.26 -13.00
CA VAL A 98 14.33 28.57 -12.38
C VAL A 98 12.92 29.10 -12.63
N SER A 99 12.43 28.98 -13.86
CA SER A 99 11.11 29.50 -14.18
C SER A 99 10.00 28.72 -13.48
N ALA A 100 10.18 27.42 -13.30
CA ALA A 100 9.19 26.62 -12.59
C ALA A 100 9.11 27.02 -11.12
N ARG A 101 10.26 27.25 -10.48
CA ARG A 101 10.24 27.67 -9.09
C ARG A 101 9.48 28.98 -8.94
N ARG A 102 9.68 29.91 -9.86
CA ARG A 102 9.00 31.20 -9.78
C ARG A 102 7.49 31.04 -9.91
N LYS A 103 7.05 30.25 -10.90
CA LYS A 103 5.62 29.94 -11.03
C LYS A 103 5.08 29.28 -9.76
N PHE A 104 5.85 28.34 -9.18
CA PHE A 104 5.41 27.66 -7.97
C PHE A 104 5.20 28.65 -6.83
N VAL A 105 6.16 29.54 -6.61
CA VAL A 105 6.11 30.46 -5.47
C VAL A 105 4.91 31.40 -5.60
N VAL A 106 4.70 31.97 -6.78
CA VAL A 106 3.58 32.88 -6.97
C VAL A 106 2.26 32.15 -6.74
N HIS A 107 2.11 30.96 -7.31
CA HIS A 107 0.87 30.21 -7.15
C HIS A 107 0.66 29.77 -5.70
N ALA A 108 1.73 29.37 -5.03
CA ALA A 108 1.61 28.90 -3.65
C ALA A 108 1.04 29.97 -2.73
N VAL A 109 1.50 31.21 -2.86
CA VAL A 109 1.01 32.29 -2.02
C VAL A 109 -0.50 32.45 -2.18
N ASP A 110 -0.97 32.44 -3.42
CA ASP A 110 -2.41 32.59 -3.67
C ASP A 110 -3.19 31.37 -3.17
N PHE A 111 -2.65 30.17 -3.38
CA PHE A 111 -3.33 28.96 -2.91
C PHE A 111 -3.51 29.00 -1.40
N LEU A 112 -2.44 29.34 -0.67
CA LEU A 112 -2.49 29.36 0.78
C LEU A 112 -3.48 30.41 1.28
N GLU A 113 -3.42 31.63 0.74
CA GLU A 113 -4.32 32.69 1.17
C GLU A 113 -5.77 32.36 0.83
N GLN A 114 -5.98 31.67 -0.29
CA GLN A 114 -7.33 31.26 -0.70
C GLN A 114 -8.04 30.50 0.41
N TYR A 115 -7.33 29.63 1.12
CA TYR A 115 -7.94 28.80 2.15
C TYR A 115 -7.62 29.24 3.57
N GLY A 116 -6.92 30.35 3.75
CA GLY A 116 -6.64 30.86 5.08
C GLY A 116 -5.43 30.27 5.76
N PHE A 117 -4.51 29.66 5.01
CA PHE A 117 -3.33 29.06 5.61
C PHE A 117 -2.32 30.14 5.98
N ASP A 118 -1.63 29.93 7.10
CA ASP A 118 -0.59 30.82 7.57
C ASP A 118 0.77 30.53 6.94
N GLY A 119 0.89 29.50 6.11
CA GLY A 119 2.17 29.18 5.51
C GLY A 119 2.18 27.76 4.97
N LEU A 120 3.40 27.28 4.70
CA LEU A 120 3.61 26.04 3.96
C LEU A 120 4.69 25.21 4.65
N ASP A 121 4.43 23.91 4.75
CA ASP A 121 5.39 22.94 5.27
C ASP A 121 5.81 22.03 4.12
N LEU A 122 7.10 22.05 3.79
CA LEU A 122 7.63 21.26 2.69
C LEU A 122 7.98 19.86 3.19
N ASP A 123 7.41 18.83 2.54
CA ASP A 123 7.67 17.44 2.92
C ASP A 123 8.06 16.63 1.68
N TRP A 124 9.11 17.06 1.00
CA TRP A 124 9.66 16.32 -0.13
C TRP A 124 10.60 15.24 0.39
N GLU A 125 10.29 13.97 0.08
CA GLU A 125 11.04 12.84 0.60
C GLU A 125 11.69 12.07 -0.55
N TYR A 126 12.88 12.50 -0.99
CA TYR A 126 13.68 13.59 -0.45
C TYR A 126 14.44 14.23 -1.61
N PRO A 127 15.00 15.42 -1.42
CA PRO A 127 15.89 15.97 -2.44
C PRO A 127 16.98 14.96 -2.76
N LYS A 128 17.24 14.76 -4.06
CA LYS A 128 18.23 13.81 -4.54
C LYS A 128 17.79 12.36 -4.29
N CYS A 129 17.58 12.00 -3.02
CA CYS A 129 17.20 10.63 -2.65
C CYS A 129 15.68 10.49 -2.74
N TRP A 130 15.19 10.46 -3.98
CA TRP A 130 13.76 10.31 -4.22
C TRP A 130 13.26 9.00 -3.60
N GLN A 131 12.34 9.11 -2.64
CA GLN A 131 11.90 7.95 -1.87
C GLN A 131 13.09 7.11 -1.41
N VAL A 132 14.12 7.81 -0.92
CA VAL A 132 15.38 7.31 -0.35
C VAL A 132 16.24 6.54 -1.35
N GLU A 133 16.00 6.72 -2.64
CA GLU A 133 16.84 6.13 -3.69
C GLU A 133 17.83 7.21 -4.15
N CYS A 134 18.97 7.29 -3.46
CA CYS A 134 19.91 8.40 -3.65
C CYS A 134 20.61 8.38 -5.00
N GLU A 135 20.66 7.22 -5.68
CA GLU A 135 21.27 7.14 -7.00
C GLU A 135 20.37 7.73 -8.09
N LYS A 136 19.10 7.89 -7.75
CA LYS A 136 18.05 8.40 -8.65
C LYS A 136 18.01 9.87 -9.08
N GLY A 137 18.26 10.77 -8.13
CA GLY A 137 18.18 12.19 -8.36
C GLY A 137 19.53 12.82 -8.62
N PRO A 138 19.52 14.01 -9.22
CA PRO A 138 20.78 14.72 -9.46
C PRO A 138 21.32 15.36 -8.19
N ASP A 139 22.66 15.49 -8.15
CA ASP A 139 23.30 16.19 -7.05
C ASP A 139 22.74 17.60 -6.88
N SER A 140 22.30 18.22 -7.97
CA SER A 140 21.79 19.58 -7.94
C SER A 140 20.46 19.71 -7.21
N ASP A 141 19.83 18.60 -6.81
CA ASP A 141 18.62 18.69 -6.01
C ASP A 141 18.87 19.44 -4.69
N LYS A 142 20.06 19.26 -4.10
CA LYS A 142 20.36 19.95 -2.85
C LYS A 142 20.31 21.46 -3.03
N GLN A 143 20.99 21.95 -4.06
CA GLN A 143 21.03 23.40 -4.27
C GLN A 143 19.71 23.92 -4.82
N GLY A 144 19.04 23.14 -5.68
CA GLY A 144 17.73 23.55 -6.15
C GLY A 144 16.71 23.66 -5.03
N PHE A 145 16.71 22.69 -4.11
CA PHE A 145 15.79 22.78 -2.97
C PHE A 145 16.11 23.99 -2.11
N ALA A 146 17.38 24.23 -1.82
CA ALA A 146 17.77 25.40 -1.03
C ALA A 146 17.31 26.69 -1.70
N ASP A 147 17.43 26.77 -3.03
CA ASP A 147 16.99 27.95 -3.75
C ASP A 147 15.47 28.12 -3.66
N LEU A 148 14.71 27.03 -3.79
CA LEU A 148 13.28 27.11 -3.61
C LEU A 148 12.94 27.67 -2.23
N VAL A 149 13.62 27.18 -1.20
CA VAL A 149 13.36 27.64 0.16
C VAL A 149 13.68 29.13 0.30
N LYS A 150 14.85 29.55 -0.22
CA LYS A 150 15.20 30.97 -0.15
C LYS A 150 14.15 31.83 -0.84
N GLU A 151 13.68 31.39 -2.02
CA GLU A 151 12.73 32.20 -2.77
C GLU A 151 11.36 32.21 -2.12
N LEU A 152 10.92 31.07 -1.58
CA LEU A 152 9.71 31.06 -0.78
C LEU A 152 9.85 31.95 0.44
N ARG A 153 11.01 31.93 1.09
CA ARG A 153 11.25 32.78 2.26
C ARG A 153 11.03 34.25 1.93
N LYS A 154 11.62 34.72 0.82
CA LYS A 154 11.46 36.14 0.47
C LYS A 154 10.01 36.48 0.18
N ALA A 155 9.33 35.65 -0.62
CA ALA A 155 7.94 35.96 -0.94
C ALA A 155 7.04 35.87 0.29
N PHE A 156 7.28 34.87 1.15
CA PHE A 156 6.43 34.72 2.33
C PHE A 156 6.61 35.89 3.31
N ASN A 157 7.82 36.44 3.40
CA ASN A 157 8.07 37.54 4.34
C ASN A 157 7.24 38.78 4.00
N ARG A 158 7.01 39.03 2.71
CA ARG A 158 6.12 40.12 2.30
C ARG A 158 4.70 39.88 2.75
N ARG A 159 4.34 38.63 3.02
CA ARG A 159 2.98 38.24 3.36
C ARG A 159 2.82 37.85 4.83
N GLY A 160 3.90 37.84 5.60
CA GLY A 160 3.81 37.40 6.99
C GLY A 160 3.49 35.93 7.15
N MET A 161 3.89 35.11 6.19
CA MET A 161 3.60 33.68 6.25
C MET A 161 4.80 32.89 6.75
N LEU A 162 4.51 31.70 7.24
CA LEU A 162 5.51 30.82 7.84
C LEU A 162 5.95 29.77 6.82
N LEU A 163 7.21 29.38 6.92
CA LEU A 163 7.79 28.38 6.03
C LEU A 163 8.56 27.38 6.87
N SER A 164 8.21 26.09 6.75
CA SER A 164 8.86 25.04 7.49
C SER A 164 9.11 23.85 6.56
N ALA A 165 9.88 22.89 7.05
CA ALA A 165 10.12 21.68 6.27
C ALA A 165 10.23 20.49 7.20
N ALA A 166 9.71 19.36 6.75
CA ALA A 166 9.97 18.07 7.38
C ALA A 166 11.14 17.41 6.64
N VAL A 167 12.11 16.90 7.41
CA VAL A 167 13.39 16.49 6.85
C VAL A 167 13.80 15.11 7.37
N SER A 168 14.71 14.49 6.63
CA SER A 168 15.13 13.12 6.91
C SER A 168 15.93 13.03 8.21
N ALA A 169 15.81 11.88 8.87
CA ALA A 169 16.64 11.52 10.01
C ALA A 169 17.74 10.54 9.65
N SER A 170 17.94 10.29 8.35
CA SER A 170 18.98 9.38 7.87
C SER A 170 20.23 10.20 7.60
N LYS A 171 21.35 9.83 8.25
CA LYS A 171 22.61 10.54 7.99
C LYS A 171 22.91 10.57 6.50
N ARG A 172 22.83 9.40 5.85
CA ARG A 172 23.05 9.28 4.42
C ARG A 172 22.23 10.28 3.63
N VAL A 173 20.91 10.31 3.86
CA VAL A 173 20.04 11.20 3.10
C VAL A 173 20.33 12.66 3.43
N ILE A 174 20.59 12.97 4.69
CA ILE A 174 20.90 14.34 5.07
C ILE A 174 22.11 14.85 4.28
N ASP A 175 23.15 14.02 4.18
CA ASP A 175 24.36 14.42 3.45
C ASP A 175 24.04 14.68 1.98
N TYR A 176 23.14 13.90 1.40
CA TYR A 176 22.79 14.07 -0.01
C TYR A 176 21.83 15.23 -0.26
N ALA A 177 20.93 15.51 0.68
CA ALA A 177 19.74 16.30 0.37
C ALA A 177 19.82 17.76 0.82
N TYR A 178 20.52 18.08 1.90
CA TYR A 178 20.29 19.33 2.61
C TYR A 178 21.53 20.20 2.69
N ASN A 179 21.38 21.45 2.27
CA ASN A 179 22.27 22.54 2.65
C ASN A 179 21.79 22.99 4.02
N VAL A 180 22.33 22.37 5.07
CA VAL A 180 21.80 22.56 6.41
C VAL A 180 21.88 24.01 6.87
N PRO A 181 23.01 24.73 6.72
CA PRO A 181 23.03 26.13 7.18
C PRO A 181 22.00 27.02 6.49
N ALA A 182 21.80 26.83 5.19
CA ALA A 182 20.84 27.67 4.47
C ALA A 182 19.41 27.37 4.91
N LEU A 183 19.09 26.08 5.11
CA LEU A 183 17.74 25.72 5.55
C LEU A 183 17.45 26.25 6.94
N SER A 184 18.40 26.07 7.87
CA SER A 184 18.23 26.58 9.22
C SER A 184 17.93 28.08 9.21
N MET A 185 18.62 28.83 8.35
CA MET A 185 18.44 30.28 8.34
C MET A 185 17.11 30.68 7.72
N ASN A 186 16.66 29.96 6.69
CA ASN A 186 15.50 30.39 5.92
C ASN A 186 14.18 29.77 6.37
N LEU A 187 14.21 28.75 7.22
CA LEU A 187 12.98 28.11 7.69
C LEU A 187 12.62 28.58 9.09
N ASP A 188 11.32 28.71 9.35
CA ASP A 188 10.85 29.05 10.69
C ASP A 188 11.03 27.89 11.66
N TRP A 189 11.00 26.66 11.17
CA TRP A 189 11.43 25.52 11.96
C TRP A 189 11.73 24.36 11.02
N ILE A 190 12.52 23.42 11.53
CA ILE A 190 12.88 22.21 10.82
C ILE A 190 12.31 21.04 11.62
N SER A 191 11.36 20.33 11.04
CA SER A 191 10.76 19.18 11.70
C SER A 191 11.56 17.94 11.33
N LEU A 192 12.36 17.44 12.27
CA LEU A 192 13.11 16.21 12.05
C LEU A 192 12.16 15.02 12.06
N MET A 193 12.14 14.25 10.98
CA MET A 193 11.29 13.05 10.95
C MET A 193 12.03 11.91 11.65
N THR A 194 12.17 12.06 12.97
CA THR A 194 12.94 11.14 13.80
C THR A 194 12.12 9.89 14.13
N TYR A 195 11.78 9.14 13.08
CA TYR A 195 11.05 7.89 13.21
C TYR A 195 11.22 7.10 11.92
N ASP A 196 10.66 5.89 11.92
CA ASP A 196 10.87 4.93 10.84
C ASP A 196 12.35 4.63 10.65
N TYR A 197 13.11 4.64 11.76
CA TYR A 197 14.49 4.18 11.69
C TYR A 197 14.54 2.69 11.35
N HIS A 198 13.51 1.95 11.73
CA HIS A 198 13.43 0.51 11.53
C HIS A 198 11.99 0.14 11.17
N GLY A 199 11.85 -0.94 10.43
CA GLY A 199 10.56 -1.41 9.95
C GLY A 199 10.78 -2.74 9.26
N GLN A 200 9.67 -3.31 8.77
CA GLN A 200 9.73 -4.64 8.18
C GLN A 200 10.70 -4.74 7.02
N TRP A 201 11.05 -3.62 6.38
CA TRP A 201 12.02 -3.65 5.30
C TRP A 201 13.42 -4.08 5.77
N ASP A 202 13.72 -3.95 7.07
CA ASP A 202 15.00 -4.42 7.59
C ASP A 202 15.12 -5.94 7.62
N LYS A 203 14.01 -6.67 7.45
CA LYS A 203 13.98 -8.11 7.66
C LYS A 203 14.38 -8.56 9.06
N LYS A 204 14.26 -7.71 10.07
CA LYS A 204 14.43 -8.12 11.45
C LYS A 204 13.79 -7.05 12.35
N THR A 205 13.41 -7.45 13.55
CA THR A 205 12.70 -6.54 14.45
C THR A 205 13.62 -5.41 14.89
N GLY A 206 13.05 -4.22 15.01
CA GLY A 206 13.79 -3.05 15.45
C GLY A 206 12.82 -1.98 15.89
N HIS A 207 13.34 -0.98 16.60
CA HIS A 207 12.46 0.04 17.14
C HIS A 207 12.22 1.15 16.13
N VAL A 208 10.97 1.60 16.04
CA VAL A 208 10.60 2.63 15.08
C VAL A 208 11.39 3.92 15.30
N ALA A 209 11.77 4.23 16.53
CA ALA A 209 12.39 5.52 16.84
C ALA A 209 13.29 5.38 18.07
N PRO A 210 14.44 4.72 17.91
CA PRO A 210 15.39 4.61 19.03
C PRO A 210 15.85 5.99 19.46
N MET A 211 15.98 6.17 20.77
CA MET A 211 16.41 7.46 21.33
C MET A 211 17.93 7.55 21.40
N TYR A 212 18.58 6.53 21.97
CA TYR A 212 20.03 6.49 22.12
C TYR A 212 20.55 5.18 21.53
N VAL A 213 21.88 5.12 21.35
CA VAL A 213 22.51 3.91 20.84
C VAL A 213 22.19 2.72 21.73
N HIS A 214 21.93 1.57 21.11
CA HIS A 214 21.65 0.32 21.80
C HIS A 214 22.76 -0.65 21.46
N ASP A 215 23.06 -1.57 22.37
CA ASP A 215 24.19 -2.47 22.13
C ASP A 215 23.91 -3.42 20.96
N LYS A 216 22.64 -3.71 20.69
CA LYS A 216 22.29 -4.56 19.55
C LYS A 216 22.33 -3.80 18.23
N ASP A 217 22.66 -2.50 18.24
CA ASP A 217 22.67 -1.72 17.02
C ASP A 217 23.81 -2.13 16.11
N THR A 218 23.56 -2.14 14.81
CA THR A 218 24.60 -2.30 13.80
C THR A 218 25.06 -0.97 13.20
N ASP A 219 24.30 0.09 13.40
CA ASP A 219 24.65 1.42 12.91
C ASP A 219 24.34 2.41 14.03
N ASN A 220 25.37 3.08 14.53
CA ASN A 220 25.19 3.96 15.68
C ASN A 220 24.63 5.33 15.32
N THR A 221 24.23 5.54 14.07
CA THR A 221 23.56 6.78 13.67
C THR A 221 22.05 6.65 13.59
N PHE A 222 21.50 5.45 13.79
CA PHE A 222 20.05 5.23 13.67
C PHE A 222 19.35 5.46 15.01
N ASN A 223 19.44 6.68 15.52
CA ASN A 223 18.76 7.02 16.76
C ASN A 223 18.55 8.52 16.83
N VAL A 224 17.55 8.94 17.61
CA VAL A 224 17.16 10.35 17.64
C VAL A 224 18.32 11.22 18.09
N ASN A 225 19.04 10.78 19.13
CA ASN A 225 20.09 11.61 19.69
C ASN A 225 21.18 11.90 18.67
N PHE A 226 21.59 10.90 17.88
CA PHE A 226 22.56 11.17 16.84
C PHE A 226 21.99 12.14 15.82
N THR A 227 20.76 11.88 15.36
CA THR A 227 20.15 12.73 14.33
C THR A 227 20.16 14.19 14.75
N VAL A 228 19.76 14.47 15.99
CA VAL A 228 19.68 15.84 16.45
C VAL A 228 21.07 16.47 16.50
N ASN A 229 22.02 15.76 17.10
CA ASN A 229 23.38 16.30 17.17
C ASN A 229 24.01 16.44 15.80
N TYR A 230 23.66 15.54 14.87
CA TYR A 230 24.21 15.65 13.52
C TYR A 230 23.71 16.91 12.83
N TRP A 231 22.41 17.23 12.94
CA TRP A 231 21.90 18.47 12.38
C TRP A 231 22.57 19.68 13.01
N ILE A 232 22.77 19.65 14.33
CA ILE A 232 23.45 20.76 15.02
C ILE A 232 24.88 20.90 14.49
N ASN A 233 25.60 19.79 14.41
CA ASN A 233 26.98 19.82 13.93
C ASN A 233 27.07 20.20 12.46
N LYS A 234 26.02 19.97 11.68
CA LYS A 234 25.98 20.43 10.30
C LYS A 234 25.64 21.90 10.17
N GLY A 235 25.39 22.60 11.28
CA GLY A 235 25.17 24.03 11.25
C GLY A 235 23.77 24.50 11.57
N ALA A 236 22.89 23.62 12.04
CA ALA A 236 21.52 24.00 12.34
C ALA A 236 21.43 24.78 13.64
N ASP A 237 20.60 25.82 13.63
CA ASP A 237 20.20 26.56 14.83
C ASP A 237 19.38 25.64 15.74
N ARG A 238 19.81 25.43 16.99
CA ARG A 238 19.09 24.51 17.86
C ARG A 238 17.62 24.89 18.02
N LYS A 239 17.33 26.20 18.10
CA LYS A 239 15.94 26.63 18.24
C LYS A 239 15.09 26.36 17.00
N LYS A 240 15.72 26.12 15.84
CA LYS A 240 14.95 25.76 14.65
C LYS A 240 14.59 24.27 14.60
N LEU A 241 15.25 23.43 15.40
CA LEU A 241 15.04 21.99 15.30
C LEU A 241 13.83 21.56 16.12
N VAL A 242 12.91 20.84 15.47
CA VAL A 242 11.72 20.33 16.12
C VAL A 242 11.76 18.81 15.99
N VAL A 243 11.71 18.12 17.13
CA VAL A 243 11.96 16.68 17.16
C VAL A 243 10.64 15.93 17.03
N GLY A 244 10.49 15.17 15.94
CA GLY A 244 9.28 14.40 15.72
C GLY A 244 9.18 13.20 16.63
N VAL A 245 7.95 12.89 17.02
CA VAL A 245 7.63 11.74 17.85
C VAL A 245 6.57 10.94 17.11
N PRO A 246 6.77 9.65 16.86
CA PRO A 246 5.74 8.85 16.19
C PRO A 246 4.65 8.44 17.18
N PHE A 247 3.39 8.60 16.75
CA PHE A 247 2.23 8.15 17.52
C PHE A 247 1.72 6.79 17.03
N TYR A 248 2.61 5.98 16.48
CA TYR A 248 2.27 4.70 15.87
C TYR A 248 3.45 3.77 16.04
N GLY A 249 3.23 2.49 15.77
CA GLY A 249 4.28 1.51 15.84
C GLY A 249 4.55 0.87 14.49
N GLN A 250 5.78 0.39 14.31
CA GLN A 250 6.13 -0.45 13.19
C GLN A 250 5.97 -1.91 13.61
N SER A 251 5.18 -2.67 12.85
CA SER A 251 4.85 -4.04 13.22
C SER A 251 5.53 -5.02 12.29
N PHE A 252 5.75 -6.23 12.83
CA PHE A 252 6.48 -7.28 12.16
C PHE A 252 5.82 -8.62 12.43
N SER A 253 6.00 -9.55 11.49
CA SER A 253 5.73 -10.97 11.72
C SER A 253 7.07 -11.69 11.79
N VAL A 254 7.33 -12.39 12.92
CA VAL A 254 8.65 -12.93 13.22
C VAL A 254 8.76 -14.37 12.75
N VAL A 255 9.92 -14.72 12.18
CA VAL A 255 10.17 -16.09 11.74
C VAL A 255 9.98 -17.06 12.90
N GLU A 256 9.32 -18.18 12.63
CA GLU A 256 9.08 -19.20 13.66
C GLU A 256 10.39 -19.57 14.36
N GLY A 257 10.33 -19.62 15.69
CA GLY A 257 11.47 -20.02 16.49
C GLY A 257 12.55 -18.97 16.67
N ALA A 258 12.35 -17.75 16.18
CA ALA A 258 13.38 -16.72 16.30
C ALA A 258 13.31 -15.95 17.61
N GLY A 259 12.30 -16.19 18.45
CA GLY A 259 12.19 -15.47 19.70
C GLY A 259 11.51 -14.12 19.54
N THR A 260 11.55 -13.34 20.63
CA THR A 260 10.89 -12.05 20.69
C THR A 260 11.84 -10.88 20.85
N GLY A 261 13.15 -11.09 20.69
CA GLY A 261 14.10 -10.04 20.95
C GLY A 261 14.25 -9.08 19.79
N LEU A 262 15.04 -8.03 20.05
CA LEU A 262 15.44 -7.12 18.99
C LEU A 262 16.36 -7.83 18.02
N GLY A 263 16.21 -7.53 16.73
CA GLY A 263 17.02 -8.17 15.71
C GLY A 263 16.57 -9.56 15.29
N ALA A 264 15.43 -10.03 15.80
CA ALA A 264 14.93 -11.34 15.38
C ALA A 264 14.48 -11.28 13.93
N PRO A 265 14.84 -12.26 13.10
CA PRO A 265 14.45 -12.22 11.68
C PRO A 265 12.94 -12.23 11.49
N THR A 266 12.48 -11.49 10.50
CA THR A 266 11.06 -11.35 10.21
C THR A 266 10.81 -11.70 8.75
N TYR A 267 9.57 -12.06 8.45
CA TYR A 267 9.17 -12.44 7.11
C TYR A 267 8.10 -11.55 6.49
N ALA A 268 7.50 -10.64 7.26
CA ALA A 268 6.45 -9.77 6.74
C ALA A 268 6.22 -8.66 7.75
N GLY A 269 5.46 -7.66 7.33
CA GLY A 269 4.89 -6.74 8.29
C GLY A 269 3.89 -7.47 9.18
N GLY A 270 3.53 -6.83 10.28
CA GLY A 270 2.50 -7.38 11.16
C GLY A 270 1.12 -7.38 10.51
N GLU A 271 0.24 -8.23 11.04
CA GLU A 271 -1.18 -8.17 10.70
C GLU A 271 -1.70 -6.75 10.82
N ALA A 272 -2.57 -6.36 9.88
CA ALA A 272 -3.09 -5.00 9.87
C ALA A 272 -4.04 -4.77 11.05
N GLY A 273 -4.06 -3.53 11.54
CA GLY A 273 -5.03 -3.16 12.55
C GLY A 273 -6.41 -2.93 11.96
N ASP A 274 -7.43 -3.03 12.83
CA ASP A 274 -8.82 -2.87 12.38
C ASP A 274 -9.07 -1.47 11.83
N GLU A 275 -8.44 -0.47 12.41
CA GLU A 275 -8.71 0.91 12.00
C GLU A 275 -7.72 1.41 10.97
N THR A 276 -6.43 1.13 11.12
CA THR A 276 -5.46 1.67 10.19
C THR A 276 -5.28 0.82 8.93
N ARG A 277 -5.59 -0.47 9.00
CA ARG A 277 -5.70 -1.32 7.80
C ARG A 277 -4.46 -1.25 6.92
N ALA A 278 -3.29 -1.35 7.54
CA ALA A 278 -2.04 -1.30 6.78
C ALA A 278 -1.04 -2.22 7.45
N ARG A 279 -0.71 -3.34 6.80
CA ARG A 279 0.26 -4.25 7.38
C ARG A 279 1.59 -3.52 7.59
N GLY A 280 2.23 -3.81 8.72
CA GLY A 280 3.47 -3.13 9.09
C GLY A 280 3.28 -1.91 9.97
N PHE A 281 2.04 -1.54 10.28
CA PHE A 281 1.72 -0.27 10.90
C PHE A 281 0.59 -0.50 11.91
N LEU A 282 0.72 0.09 13.10
CA LEU A 282 -0.36 0.07 14.09
C LEU A 282 -0.37 1.42 14.81
N SER A 283 -1.56 2.01 14.94
CA SER A 283 -1.69 3.23 15.72
C SER A 283 -1.40 2.93 17.19
N PHE A 284 -1.09 3.99 17.94
CA PHE A 284 -0.90 3.80 19.38
C PHE A 284 -2.13 3.20 20.02
N TYR A 285 -3.33 3.63 19.61
CA TYR A 285 -4.53 3.10 20.25
C TYR A 285 -4.76 1.64 19.86
N GLU A 286 -4.39 1.24 18.64
CA GLU A 286 -4.46 -0.18 18.29
C GLU A 286 -3.50 -1.00 19.13
N ILE A 287 -2.34 -0.43 19.46
CA ILE A 287 -1.40 -1.12 20.33
C ILE A 287 -1.97 -1.23 21.74
N CYS A 288 -2.65 -0.18 22.21
CA CYS A 288 -3.28 -0.22 23.53
C CYS A 288 -4.31 -1.34 23.59
N GLU A 289 -5.16 -1.46 22.57
CA GLU A 289 -6.14 -2.53 22.56
C GLU A 289 -5.47 -3.89 22.65
N ARG A 290 -4.36 -4.07 21.93
CA ARG A 290 -3.66 -5.35 21.96
C ARG A 290 -3.10 -5.65 23.35
N VAL A 291 -2.51 -4.66 24.01
CA VAL A 291 -1.99 -4.87 25.35
C VAL A 291 -3.13 -5.06 26.35
N LYS A 292 -4.14 -4.18 26.29
CA LYS A 292 -5.17 -4.15 27.32
C LYS A 292 -6.15 -5.32 27.18
N VAL A 293 -6.55 -5.63 25.95
CA VAL A 293 -7.63 -6.57 25.70
C VAL A 293 -7.13 -7.89 25.14
N LYS A 294 -6.08 -7.90 24.32
CA LYS A 294 -5.61 -9.10 23.67
C LYS A 294 -4.41 -9.74 24.35
N GLY A 295 -3.96 -9.19 25.48
CA GLY A 295 -2.92 -9.83 26.24
C GLY A 295 -1.53 -9.77 25.66
N TRP A 296 -1.25 -8.82 24.77
CA TRP A 296 0.10 -8.68 24.25
C TRP A 296 1.06 -8.27 25.36
N LYS A 297 2.29 -8.78 25.27
CA LYS A 297 3.30 -8.57 26.30
C LYS A 297 4.16 -7.38 25.95
N VAL A 298 4.39 -6.51 26.93
CA VAL A 298 5.18 -5.30 26.76
C VAL A 298 6.61 -5.58 27.19
N HIS A 299 7.57 -5.25 26.33
CA HIS A 299 8.99 -5.43 26.62
C HIS A 299 9.65 -4.06 26.68
N ARG A 300 10.36 -3.80 27.77
CA ARG A 300 11.01 -2.52 27.98
C ARG A 300 12.52 -2.65 28.06
N ASP A 301 13.20 -1.54 27.76
CA ASP A 301 14.65 -1.45 27.85
C ASP A 301 15.01 -0.79 29.18
N PRO A 302 15.58 -1.52 30.14
CA PRO A 302 15.94 -0.89 31.42
C PRO A 302 16.92 0.27 31.27
N GLY A 303 17.70 0.30 30.19
CA GLY A 303 18.63 1.39 29.96
C GLY A 303 18.01 2.65 29.41
N GLY A 304 16.74 2.61 29.01
CA GLY A 304 16.07 3.80 28.52
C GLY A 304 16.54 4.28 27.17
N ARG A 305 17.15 3.41 26.36
CA ARG A 305 17.67 3.80 25.07
C ARG A 305 16.65 3.69 23.95
N ILE A 306 15.69 2.77 24.07
CA ILE A 306 14.60 2.62 23.12
C ILE A 306 13.31 2.54 23.91
N GLY A 307 12.21 2.88 23.23
CA GLY A 307 10.91 2.68 23.80
C GLY A 307 10.53 1.21 23.82
N PRO A 308 9.30 0.92 24.24
CA PRO A 308 8.85 -0.47 24.38
C PRO A 308 8.55 -1.12 23.04
N TYR A 309 8.37 -2.44 23.10
CA TYR A 309 7.72 -3.18 22.03
C TYR A 309 6.78 -4.20 22.66
N ALA A 310 5.78 -4.62 21.88
CA ALA A 310 4.76 -5.52 22.37
C ALA A 310 4.70 -6.74 21.46
N THR A 311 4.40 -7.90 22.05
CA THR A 311 4.46 -9.16 21.32
C THR A 311 3.26 -10.04 21.64
N HIS A 312 2.92 -10.88 20.65
CA HIS A 312 1.90 -11.91 20.75
C HIS A 312 2.08 -12.85 19.59
N ASP A 313 2.18 -14.16 19.88
CA ASP A 313 2.51 -15.19 18.88
C ASP A 313 3.74 -14.69 18.12
N ASP A 314 3.72 -14.64 16.77
CA ASP A 314 4.83 -14.14 16.01
C ASP A 314 4.70 -12.65 15.64
N GLN A 315 3.79 -11.95 16.32
CA GLN A 315 3.58 -10.52 16.05
C GLN A 315 4.44 -9.69 17.00
N TRP A 316 4.90 -8.55 16.51
CA TRP A 316 5.93 -7.76 17.19
C TRP A 316 5.80 -6.32 16.71
N VAL A 317 5.60 -5.38 17.63
CA VAL A 317 5.44 -3.97 17.25
C VAL A 317 6.21 -3.10 18.22
N SER A 318 7.04 -2.20 17.70
CA SER A 318 7.79 -1.24 18.50
C SER A 318 7.15 0.13 18.40
N PHE A 319 7.21 0.91 19.48
CA PHE A 319 6.45 2.15 19.56
C PHE A 319 6.96 2.98 20.72
N ASP A 320 6.58 4.26 20.74
CA ASP A 320 6.80 5.13 21.88
C ASP A 320 5.54 5.17 22.72
N ASP A 321 5.70 5.00 24.04
CA ASP A 321 4.61 5.14 24.98
C ASP A 321 4.71 6.49 25.67
N ASP A 322 3.86 6.70 26.69
CA ASP A 322 3.87 7.95 27.44
C ASP A 322 5.25 8.30 27.99
N PHE A 323 5.96 7.30 28.51
CA PHE A 323 7.24 7.57 29.15
C PHE A 323 8.28 8.01 28.11
N MET A 324 8.30 7.39 26.94
CA MET A 324 9.28 7.82 25.95
C MET A 324 8.87 9.13 25.29
N ALA A 325 7.57 9.36 25.09
CA ALA A 325 7.12 10.66 24.63
C ALA A 325 7.52 11.76 25.61
N ARG A 326 7.37 11.49 26.91
CA ARG A 326 7.82 12.46 27.91
C ARG A 326 9.31 12.69 27.82
N HIS A 327 10.09 11.60 27.74
CA HIS A 327 11.54 11.75 27.70
C HIS A 327 11.98 12.56 26.49
N LYS A 328 11.39 12.31 25.33
CA LYS A 328 11.82 13.02 24.14
C LYS A 328 11.47 14.51 24.23
N ALA A 329 10.35 14.84 24.86
CA ALA A 329 10.02 16.23 25.09
C ALA A 329 10.98 16.86 26.10
N GLU A 330 11.36 16.10 27.14
CA GLU A 330 12.33 16.63 28.10
C GLU A 330 13.71 16.76 27.47
N TYR A 331 14.06 15.85 26.56
CA TYR A 331 15.28 15.99 25.77
C TYR A 331 15.29 17.29 24.99
N VAL A 332 14.17 17.60 24.32
CA VAL A 332 14.02 18.85 23.58
C VAL A 332 14.27 20.04 24.51
N ARG A 333 13.71 19.99 25.72
CA ARG A 333 13.88 21.12 26.62
C ARG A 333 15.32 21.19 27.14
N ALA A 334 15.90 20.06 27.49
CA ALA A 334 17.28 20.05 28.00
C ALA A 334 18.26 20.53 26.95
N MET A 335 18.10 20.07 25.71
CA MET A 335 18.91 20.50 24.57
C MET A 335 18.57 21.89 24.07
N GLU A 336 17.52 22.52 24.61
CA GLU A 336 17.11 23.87 24.20
C GLU A 336 16.80 23.94 22.71
N LEU A 337 16.02 22.97 22.23
CA LEU A 337 15.65 22.90 20.83
C LEU A 337 14.39 23.73 20.59
N GLY A 338 13.85 23.67 19.38
CA GLY A 338 12.68 24.48 19.04
C GLY A 338 11.36 23.92 19.50
N GLY A 339 11.27 22.60 19.65
CA GLY A 339 10.02 22.01 20.11
C GLY A 339 9.93 20.55 19.68
N SER A 340 8.70 20.04 19.76
CA SER A 340 8.41 18.66 19.38
C SER A 340 7.35 18.64 18.29
N MET A 341 7.37 17.59 17.48
CA MET A 341 6.41 17.41 16.40
C MET A 341 5.73 16.06 16.57
N ALA A 342 4.43 16.01 16.23
CA ALA A 342 3.61 14.82 16.45
C ALA A 342 3.11 14.27 15.13
N TRP A 343 3.43 12.99 14.86
CA TRP A 343 3.03 12.27 13.66
C TRP A 343 2.24 11.02 14.10
N SER A 344 0.91 11.12 14.20
CA SER A 344 0.13 12.30 13.84
C SER A 344 -1.06 12.32 14.80
N LEU A 345 -1.84 13.41 14.80
CA LEU A 345 -2.92 13.59 15.78
C LEU A 345 -3.84 12.38 15.86
N ASP A 346 -4.19 11.80 14.71
CA ASP A 346 -5.21 10.76 14.62
C ASP A 346 -4.73 9.40 15.08
N LEU A 347 -3.42 9.22 15.33
CA LEU A 347 -2.91 7.91 15.73
C LEU A 347 -2.70 7.81 17.24
N ASP A 348 -2.64 8.94 17.93
CA ASP A 348 -2.80 9.01 19.38
C ASP A 348 -4.14 8.40 19.77
N ASP A 349 -4.29 8.08 21.06
CA ASP A 349 -5.60 7.65 21.56
C ASP A 349 -6.47 8.90 21.77
N PHE A 350 -6.84 9.53 20.65
CA PHE A 350 -7.47 10.85 20.72
C PHE A 350 -8.88 10.77 21.33
N THR A 351 -9.55 9.62 21.25
CA THR A 351 -10.83 9.48 21.92
C THR A 351 -10.70 9.14 23.39
N GLY A 352 -9.54 8.65 23.82
CA GLY A 352 -9.35 8.18 25.17
C GLY A 352 -9.93 6.81 25.46
N LYS A 353 -10.56 6.16 24.48
CA LYS A 353 -11.31 4.94 24.71
C LYS A 353 -10.45 3.68 24.73
N TYR A 354 -9.22 3.73 24.21
CA TYR A 354 -8.42 2.52 24.04
C TYR A 354 -7.38 2.33 25.13
N CYS A 355 -6.75 3.39 25.60
CA CYS A 355 -5.65 3.27 26.56
C CYS A 355 -6.07 3.55 28.00
N GLY A 356 -7.23 4.15 28.23
CA GLY A 356 -7.65 4.47 29.59
C GLY A 356 -6.78 5.51 30.27
N CYS A 357 -6.16 6.39 29.48
N CYS A 357 -6.13 6.39 29.50
CA CYS A 357 -5.22 7.39 29.96
CA CYS A 357 -5.25 7.40 30.07
C CYS A 357 -5.69 8.81 29.67
C CYS A 357 -5.70 8.80 29.67
N GLY A 358 -6.99 8.99 29.47
CA GLY A 358 -7.51 10.27 29.04
C GLY A 358 -7.38 10.45 27.54
N LYS A 359 -7.97 11.54 27.05
CA LYS A 359 -7.95 11.79 25.61
C LYS A 359 -6.58 12.32 25.18
N ALA A 360 -6.09 11.80 24.06
CA ALA A 360 -4.82 12.20 23.47
C ALA A 360 -3.66 12.14 24.49
N PRO A 361 -3.40 10.95 25.07
CA PRO A 361 -2.37 10.89 26.12
C PRO A 361 -0.96 11.25 25.64
N LEU A 362 -0.56 10.79 24.45
CA LEU A 362 0.79 11.11 23.98
C LEU A 362 0.96 12.60 23.74
N LEU A 363 -0.02 13.23 23.08
CA LEU A 363 0.10 14.66 22.82
C LEU A 363 -0.01 15.48 24.11
N THR A 364 -0.85 15.05 25.03
CA THR A 364 -0.96 15.73 26.31
C THR A 364 0.36 15.68 27.08
N THR A 365 1.03 14.52 27.06
CA THR A 365 2.32 14.38 27.72
C THR A 365 3.35 15.36 27.15
N ILE A 366 3.39 15.52 25.82
CA ILE A 366 4.32 16.47 25.21
C ILE A 366 4.00 17.90 25.60
N ASN A 367 2.71 18.26 25.64
CA ASN A 367 2.31 19.61 26.03
C ASN A 367 2.64 19.89 27.50
N HIS A 368 2.51 18.87 28.35
CA HIS A 368 2.89 18.99 29.75
C HIS A 368 4.34 19.42 29.90
N VAL A 369 5.25 18.76 29.18
CA VAL A 369 6.68 19.04 29.30
C VAL A 369 7.01 20.40 28.69
N LEU A 370 6.54 20.65 27.48
CA LEU A 370 7.01 21.79 26.71
C LEU A 370 6.24 23.07 26.98
N ARG A 371 4.98 22.98 27.40
CA ARG A 371 4.14 24.15 27.58
C ARG A 371 3.54 24.24 28.97
N GLY A 372 3.97 23.38 29.90
CA GLY A 372 3.53 23.47 31.28
C GLY A 372 2.08 23.14 31.53
N LYS A 373 1.42 22.46 30.59
CA LYS A 373 0.04 22.04 30.81
C LYS A 373 0.02 21.04 31.96
N GLU A 374 -0.79 21.29 32.98
CA GLU A 374 -0.90 20.35 34.09
C GLU A 374 -1.49 19.09 33.47
N ALA A 375 -1.06 17.93 33.93
CA ALA A 375 -1.41 16.66 33.30
C ALA A 375 -1.30 15.54 34.31
N PRO A 376 -2.01 14.44 34.10
CA PRO A 376 -1.77 13.23 34.90
C PRO A 376 -0.41 12.64 34.60
N PRO A 377 0.09 11.73 35.43
CA PRO A 377 1.38 11.10 35.16
C PRO A 377 1.31 10.21 33.92
N PRO A 378 2.45 9.80 33.38
CA PRO A 378 2.42 8.87 32.25
C PRO A 378 1.75 7.57 32.67
N CYS A 379 0.95 7.01 31.77
N CYS A 379 0.95 7.02 31.79
CA CYS A 379 0.24 5.79 32.07
CA CYS A 379 0.25 5.79 32.13
C CYS A 379 1.09 4.58 31.68
C CYS A 379 1.05 4.58 31.69
N ILE A 380 0.95 3.53 32.48
CA ILE A 380 1.72 2.31 32.30
C ILE A 380 0.84 1.32 31.55
N LEU A 381 1.24 1.02 30.31
CA LEU A 381 0.46 0.17 29.43
C LEU A 381 0.14 -1.18 30.06
N HIS A 382 1.11 -1.76 30.64
CA HIS A 382 1.11 -3.03 31.23
C HIS A 382 0.11 -3.13 32.37
N GLU A 383 -0.16 -2.05 33.05
CA GLU A 383 -1.04 -1.99 34.21
C GLU A 383 -2.48 -2.20 33.74
N GLU B 1 -25.02 -20.74 -19.53
CA GLU B 1 -23.90 -20.36 -20.38
C GLU B 1 -22.78 -21.39 -20.31
N ARG B 2 -22.25 -21.71 -21.50
CA ARG B 2 -21.18 -22.70 -21.63
C ARG B 2 -19.86 -22.21 -21.02
N PHE B 3 -19.54 -20.93 -21.18
CA PHE B 3 -18.26 -20.42 -20.71
C PHE B 3 -18.45 -19.35 -19.65
N LYS B 4 -17.61 -19.39 -18.62
CA LYS B 4 -17.64 -18.40 -17.57
C LYS B 4 -16.69 -17.25 -17.90
N VAL B 5 -17.04 -16.06 -17.44
CA VAL B 5 -16.13 -14.93 -17.41
C VAL B 5 -16.08 -14.49 -15.94
N VAL B 6 -14.99 -14.86 -15.27
CA VAL B 6 -14.83 -14.64 -13.83
C VAL B 6 -14.06 -13.34 -13.64
N CYS B 7 -14.70 -12.34 -13.04
CA CYS B 7 -14.16 -11.00 -12.92
C CYS B 7 -13.70 -10.75 -11.50
N TYR B 8 -12.43 -10.40 -11.32
CA TYR B 8 -11.94 -9.97 -10.02
C TYR B 8 -12.15 -8.47 -9.88
N TYR B 9 -12.89 -8.09 -8.85
CA TYR B 9 -13.01 -6.70 -8.42
C TYR B 9 -12.16 -6.51 -7.18
N THR B 10 -11.27 -5.53 -7.21
CA THR B 10 -10.39 -5.29 -6.07
C THR B 10 -10.90 -4.03 -5.38
N ASN B 11 -11.35 -4.23 -4.16
CA ASN B 11 -11.86 -3.11 -3.38
C ASN B 11 -10.89 -1.95 -3.23
N TRP B 12 -9.60 -2.11 -2.91
N TRP B 12 -9.60 -2.15 -2.97
CA TRP B 12 -8.73 -0.97 -2.61
CA TRP B 12 -8.70 -1.05 -2.63
C TRP B 12 -8.26 -0.29 -3.89
C TRP B 12 -8.47 -0.14 -3.83
N ALA B 13 -8.96 -0.56 -4.99
CA ALA B 13 -8.89 0.32 -6.15
C ALA B 13 -9.66 1.62 -5.88
N TRP B 14 -10.51 1.59 -4.86
CA TRP B 14 -11.26 2.80 -4.52
C TRP B 14 -10.34 3.95 -4.12
N TYR B 15 -9.16 3.65 -3.59
CA TYR B 15 -8.25 4.67 -3.10
C TYR B 15 -7.35 5.26 -4.17
N ARG B 16 -7.48 4.81 -5.43
CA ARG B 16 -6.55 5.30 -6.44
C ARG B 16 -6.96 6.70 -6.90
N PRO B 17 -5.99 7.55 -7.23
CA PRO B 17 -6.30 8.93 -7.64
C PRO B 17 -6.92 9.05 -9.02
N ASP B 18 -7.72 10.09 -9.18
CA ASP B 18 -8.19 10.59 -10.49
C ASP B 18 -8.93 9.47 -11.22
N ASN B 19 -8.63 9.20 -12.50
CA ASN B 19 -9.27 8.17 -13.30
C ASN B 19 -8.91 6.76 -12.86
N GLY B 20 -7.95 6.57 -11.96
CA GLY B 20 -7.70 5.21 -11.54
C GLY B 20 -8.67 4.72 -10.49
N LYS B 21 -9.46 5.62 -9.93
CA LYS B 21 -10.44 5.24 -8.92
C LYS B 21 -11.49 4.32 -9.52
N TYR B 22 -11.72 3.18 -8.86
CA TYR B 22 -12.68 2.19 -9.33
C TYR B 22 -13.62 1.84 -8.20
N THR B 23 -14.93 1.97 -8.46
CA THR B 23 -15.93 1.76 -7.43
C THR B 23 -16.89 0.64 -7.84
N PRO B 24 -17.73 0.14 -6.92
CA PRO B 24 -18.76 -0.84 -7.34
C PRO B 24 -19.62 -0.35 -8.47
N GLY B 25 -19.88 0.96 -8.55
CA GLY B 25 -20.64 1.53 -9.64
C GLY B 25 -19.94 1.49 -10.98
N ASP B 26 -18.64 1.22 -11.01
CA ASP B 26 -17.92 1.05 -12.27
C ASP B 26 -18.02 -0.36 -12.82
N ILE B 27 -18.46 -1.33 -12.01
CA ILE B 27 -18.63 -2.69 -12.51
C ILE B 27 -19.72 -2.70 -13.57
N ASN B 28 -19.43 -3.31 -14.72
CA ASN B 28 -20.43 -3.60 -15.73
C ASN B 28 -20.81 -5.07 -15.60
N PRO B 29 -21.94 -5.40 -14.95
CA PRO B 29 -22.24 -6.82 -14.69
C PRO B 29 -22.51 -7.62 -15.95
N GLU B 30 -22.89 -6.99 -17.05
CA GLU B 30 -23.10 -7.70 -18.30
C GLU B 30 -21.82 -8.32 -18.84
N LEU B 31 -20.67 -7.85 -18.38
CA LEU B 31 -19.37 -8.35 -18.86
C LEU B 31 -18.81 -9.45 -17.96
N CYS B 32 -19.59 -9.94 -17.00
CA CYS B 32 -19.14 -10.97 -16.08
C CYS B 32 -20.23 -12.02 -15.94
N THR B 33 -19.84 -13.28 -15.80
CA THR B 33 -20.78 -14.29 -15.30
C THR B 33 -20.65 -14.47 -13.81
N HIS B 34 -19.46 -14.24 -13.27
CA HIS B 34 -19.18 -14.34 -11.84
C HIS B 34 -18.25 -13.18 -11.45
N ILE B 35 -18.54 -12.57 -10.31
CA ILE B 35 -17.72 -11.50 -9.78
C ILE B 35 -17.14 -11.98 -8.46
N ILE B 36 -15.83 -11.77 -8.28
CA ILE B 36 -15.16 -12.08 -7.02
C ILE B 36 -14.72 -10.79 -6.36
N TYR B 37 -15.14 -10.59 -5.11
CA TYR B 37 -14.80 -9.42 -4.32
C TYR B 37 -13.45 -9.69 -3.63
N ALA B 38 -12.40 -9.03 -4.11
CA ALA B 38 -11.07 -9.21 -3.56
C ALA B 38 -10.71 -8.03 -2.68
N PHE B 39 -10.29 -8.28 -1.43
CA PHE B 39 -10.23 -9.58 -0.76
C PHE B 39 -10.73 -9.43 0.68
N ALA B 40 -11.25 -10.52 1.25
CA ALA B 40 -11.30 -10.67 2.69
C ALA B 40 -9.99 -11.30 3.17
N VAL B 41 -9.78 -11.31 4.49
CA VAL B 41 -8.57 -11.89 5.06
C VAL B 41 -8.96 -12.89 6.13
N LEU B 42 -7.99 -13.74 6.48
CA LEU B 42 -8.18 -14.74 7.52
C LEU B 42 -7.72 -14.15 8.83
N ASP B 43 -8.61 -14.04 9.81
CA ASP B 43 -8.21 -13.54 11.12
C ASP B 43 -7.17 -14.48 11.73
N LYS B 44 -6.05 -13.90 12.15
CA LYS B 44 -4.95 -14.73 12.63
C LYS B 44 -5.31 -15.47 13.91
N GLU B 45 -6.07 -14.82 14.79
CA GLU B 45 -6.36 -15.40 16.10
C GLU B 45 -7.52 -16.40 16.01
N GLU B 46 -8.64 -16.00 15.39
CA GLU B 46 -9.82 -16.85 15.31
C GLU B 46 -9.82 -17.79 14.11
N LEU B 47 -8.98 -17.56 13.11
CA LEU B 47 -8.96 -18.38 11.89
C LEU B 47 -10.33 -18.46 11.23
N VAL B 48 -10.96 -17.29 11.05
CA VAL B 48 -12.21 -17.16 10.32
C VAL B 48 -12.10 -15.98 9.37
N ILE B 49 -13.00 -15.95 8.39
CA ILE B 49 -13.04 -14.83 7.43
C ILE B 49 -13.33 -13.53 8.18
N LYS B 50 -12.63 -12.47 7.80
CA LYS B 50 -12.98 -11.15 8.29
C LYS B 50 -12.74 -10.10 7.21
N SER B 51 -13.44 -8.97 7.33
CA SER B 51 -13.24 -7.88 6.40
C SER B 51 -11.84 -7.28 6.54
N HIS B 52 -11.23 -6.96 5.43
CA HIS B 52 -9.94 -6.34 5.45
C HIS B 52 -10.05 -4.82 5.50
N ASP B 53 -11.24 -4.29 5.30
CA ASP B 53 -11.47 -2.84 5.26
C ASP B 53 -12.90 -2.61 5.76
N ILE B 54 -13.04 -2.51 7.08
CA ILE B 54 -14.37 -2.34 7.69
C ILE B 54 -15.04 -1.10 7.12
N TRP B 55 -14.28 -0.03 6.91
CA TRP B 55 -14.86 1.24 6.49
C TRP B 55 -15.50 1.14 5.11
N LEU B 56 -14.80 0.54 4.16
CA LEU B 56 -15.37 0.36 2.82
C LEU B 56 -16.36 -0.80 2.78
N ASP B 57 -15.94 -1.99 3.24
CA ASP B 57 -16.73 -3.20 3.04
C ASP B 57 -18.04 -3.18 3.81
N VAL B 58 -18.03 -2.68 5.04
CA VAL B 58 -19.13 -2.84 5.97
C VAL B 58 -19.82 -1.51 6.26
N GLU B 59 -19.08 -0.55 6.82
CA GLU B 59 -19.70 0.74 7.14
C GLU B 59 -20.30 1.40 5.91
N ASN B 60 -19.58 1.37 4.79
CA ASN B 60 -20.09 1.93 3.54
C ASN B 60 -20.71 0.89 2.62
N LYS B 61 -20.86 -0.35 3.11
CA LYS B 61 -21.69 -1.37 2.48
C LYS B 61 -21.18 -1.80 1.09
N PHE B 62 -19.87 -1.75 0.85
CA PHE B 62 -19.38 -2.16 -0.45
C PHE B 62 -19.63 -3.64 -0.73
N TYR B 63 -19.55 -4.49 0.30
CA TYR B 63 -19.93 -5.89 0.14
C TYR B 63 -21.32 -6.01 -0.47
N GLU B 64 -22.31 -5.38 0.18
CA GLU B 64 -23.69 -5.48 -0.28
C GLU B 64 -23.92 -4.75 -1.60
N LYS B 65 -23.20 -3.66 -1.85
CA LYS B 65 -23.37 -2.96 -3.12
C LYS B 65 -22.94 -3.85 -4.27
N VAL B 66 -21.91 -4.67 -4.07
CA VAL B 66 -21.47 -5.56 -5.13
C VAL B 66 -22.37 -6.79 -5.22
N THR B 67 -22.73 -7.41 -4.09
CA THR B 67 -23.61 -8.57 -4.18
C THR B 67 -24.98 -8.21 -4.71
N ALA B 68 -25.41 -6.96 -4.55
CA ALA B 68 -26.68 -6.55 -5.13
C ALA B 68 -26.69 -6.67 -6.65
N LEU B 69 -25.52 -6.66 -7.30
CA LEU B 69 -25.46 -6.78 -8.75
C LEU B 69 -25.91 -8.15 -9.24
N LYS B 70 -26.11 -9.11 -8.34
CA LYS B 70 -26.59 -10.42 -8.76
C LYS B 70 -27.96 -10.34 -9.41
N SER B 71 -28.70 -9.24 -9.23
CA SER B 71 -29.96 -9.06 -9.93
C SER B 71 -29.77 -9.05 -11.44
N HIS B 72 -28.56 -8.82 -11.92
CA HIS B 72 -28.25 -8.90 -13.34
C HIS B 72 -28.03 -10.31 -13.82
N GLY B 73 -28.23 -11.31 -12.97
CA GLY B 73 -27.99 -12.69 -13.34
C GLY B 73 -26.56 -13.13 -13.22
N VAL B 74 -25.74 -12.37 -12.48
CA VAL B 74 -24.37 -12.76 -12.19
C VAL B 74 -24.30 -13.33 -10.79
N LYS B 75 -23.32 -14.19 -10.56
CA LYS B 75 -23.01 -14.71 -9.23
C LYS B 75 -21.88 -13.87 -8.63
N VAL B 76 -22.00 -13.54 -7.33
CA VAL B 76 -21.03 -12.70 -6.65
C VAL B 76 -20.47 -13.47 -5.47
N LEU B 77 -19.16 -13.72 -5.50
CA LEU B 77 -18.48 -14.45 -4.45
C LEU B 77 -17.51 -13.54 -3.73
N LEU B 78 -17.19 -13.91 -2.49
CA LEU B 78 -16.16 -13.23 -1.73
C LEU B 78 -14.84 -13.96 -1.91
N GLY B 79 -13.79 -13.22 -2.25
CA GLY B 79 -12.47 -13.80 -2.36
C GLY B 79 -11.71 -13.67 -1.06
N LEU B 80 -11.09 -14.77 -0.64
CA LEU B 80 -10.35 -14.82 0.62
C LEU B 80 -8.86 -14.99 0.34
N GLY B 81 -8.05 -14.11 0.90
CA GLY B 81 -6.62 -14.29 0.82
C GLY B 81 -5.92 -13.31 -0.10
N GLY B 82 -5.31 -13.82 -1.16
CA GLY B 82 -4.43 -13.04 -1.99
C GLY B 82 -3.00 -13.10 -1.49
N TRP B 83 -2.10 -12.55 -2.29
CA TRP B 83 -0.67 -12.64 -2.00
C TRP B 83 -0.34 -12.07 -0.62
N ASP B 84 -0.84 -10.87 -0.34
CA ASP B 84 -0.45 -10.17 0.89
C ASP B 84 -0.95 -10.90 2.15
N ASP B 85 -2.09 -11.57 2.08
CA ASP B 85 -2.56 -12.29 3.27
C ASP B 85 -1.92 -13.67 3.42
N SER B 86 -1.09 -14.09 2.47
CA SER B 86 -0.57 -15.45 2.42
C SER B 86 0.81 -15.60 3.04
N ALA B 87 1.36 -14.56 3.67
CA ALA B 87 2.60 -14.71 4.38
C ALA B 87 2.37 -15.41 5.72
N GLY B 88 3.26 -16.30 6.09
CA GLY B 88 3.14 -16.95 7.39
C GLY B 88 2.23 -18.15 7.37
N ASP B 89 1.96 -18.66 8.57
CA ASP B 89 1.42 -20.00 8.74
C ASP B 89 -0.07 -20.04 9.04
N LYS B 90 -0.79 -18.91 9.01
CA LYS B 90 -2.16 -18.92 9.52
C LYS B 90 -3.08 -19.82 8.69
N TYR B 91 -2.94 -19.81 7.36
CA TYR B 91 -3.75 -20.72 6.55
C TYR B 91 -3.37 -22.17 6.82
N SER B 92 -2.08 -22.44 7.03
CA SER B 92 -1.62 -23.78 7.36
C SER B 92 -2.16 -24.25 8.70
N ARG B 93 -2.20 -23.35 9.70
CA ARG B 93 -2.78 -23.73 10.98
C ARG B 93 -4.25 -24.07 10.84
N LEU B 94 -4.95 -23.36 9.95
CA LEU B 94 -6.35 -23.63 9.73
C LEU B 94 -6.56 -25.02 9.11
N VAL B 95 -5.92 -25.29 7.97
CA VAL B 95 -6.25 -26.51 7.24
C VAL B 95 -5.72 -27.76 7.93
N ASN B 96 -4.73 -27.64 8.81
CA ASN B 96 -4.16 -28.81 9.47
C ASN B 96 -4.82 -29.10 10.82
N ASN B 97 -5.88 -28.37 11.19
CA ASN B 97 -6.59 -28.59 12.44
C ASN B 97 -8.06 -28.85 12.15
N VAL B 98 -8.54 -30.05 12.48
CA VAL B 98 -9.90 -30.43 12.13
C VAL B 98 -10.93 -29.50 12.77
N SER B 99 -10.73 -29.17 14.05
CA SER B 99 -11.69 -28.31 14.72
C SER B 99 -11.66 -26.88 14.16
N ALA B 100 -10.49 -26.41 13.74
CA ALA B 100 -10.42 -25.08 13.12
C ALA B 100 -11.16 -25.07 11.78
N ARG B 101 -11.01 -26.13 10.98
CA ARG B 101 -11.73 -26.18 9.72
C ARG B 101 -13.24 -26.14 9.94
N ARG B 102 -13.72 -26.86 10.95
CA ARG B 102 -15.16 -26.89 11.22
C ARG B 102 -15.68 -25.51 11.64
N LYS B 103 -14.96 -24.86 12.56
CA LYS B 103 -15.31 -23.50 12.95
C LYS B 103 -15.30 -22.55 11.77
N PHE B 104 -14.27 -22.67 10.91
CA PHE B 104 -14.17 -21.81 9.73
C PHE B 104 -15.38 -21.98 8.83
N VAL B 105 -15.74 -23.24 8.54
CA VAL B 105 -16.83 -23.52 7.60
C VAL B 105 -18.14 -22.98 8.14
N VAL B 106 -18.44 -23.24 9.42
CA VAL B 106 -19.68 -22.78 10.02
C VAL B 106 -19.74 -21.26 9.98
N HIS B 107 -18.66 -20.60 10.37
CA HIS B 107 -18.64 -19.14 10.35
C HIS B 107 -18.73 -18.60 8.93
N ALA B 108 -18.04 -19.26 7.97
CA ALA B 108 -18.02 -18.76 6.60
C ALA B 108 -19.42 -18.70 5.99
N VAL B 109 -20.23 -19.73 6.22
CA VAL B 109 -21.60 -19.73 5.68
C VAL B 109 -22.36 -18.51 6.20
N ASP B 110 -22.28 -18.26 7.51
CA ASP B 110 -23.00 -17.13 8.08
C ASP B 110 -22.44 -15.79 7.59
N PHE B 111 -21.11 -15.69 7.49
CA PHE B 111 -20.49 -14.46 6.99
C PHE B 111 -20.95 -14.15 5.57
N LEU B 112 -20.92 -15.15 4.69
CA LEU B 112 -21.31 -14.92 3.30
C LEU B 112 -22.79 -14.56 3.19
N GLU B 113 -23.67 -15.29 3.88
CA GLU B 113 -25.10 -15.00 3.80
C GLU B 113 -25.42 -13.63 4.37
N GLN B 114 -24.69 -13.21 5.40
CA GLN B 114 -24.90 -11.90 6.01
C GLN B 114 -24.81 -10.77 4.99
N TYR B 115 -23.87 -10.87 4.05
CA TYR B 115 -23.65 -9.80 3.08
C TYR B 115 -24.21 -10.12 1.70
N GLY B 116 -24.89 -11.24 1.54
CA GLY B 116 -25.50 -11.58 0.27
C GLY B 116 -24.58 -12.26 -0.72
N PHE B 117 -23.46 -12.81 -0.28
CA PHE B 117 -22.55 -13.47 -1.21
C PHE B 117 -23.10 -14.83 -1.63
N ASP B 118 -22.88 -15.16 -2.91
CA ASP B 118 -23.28 -16.44 -3.46
C ASP B 118 -22.27 -17.54 -3.20
N GLY B 119 -21.13 -17.22 -2.62
CA GLY B 119 -20.13 -18.24 -2.36
C GLY B 119 -18.78 -17.63 -2.07
N LEU B 120 -17.76 -18.49 -2.15
CA LEU B 120 -16.43 -18.17 -1.66
C LEU B 120 -15.37 -18.62 -2.66
N ASP B 121 -14.40 -17.75 -2.91
CA ASP B 121 -13.25 -18.04 -3.75
C ASP B 121 -12.01 -18.08 -2.87
N LEU B 122 -11.33 -19.23 -2.82
CA LEU B 122 -10.14 -19.40 -1.99
C LEU B 122 -8.91 -18.95 -2.78
N ASP B 123 -8.14 -18.02 -2.22
CA ASP B 123 -6.94 -17.50 -2.89
C ASP B 123 -5.75 -17.53 -1.90
N TRP B 124 -5.47 -18.74 -1.39
CA TRP B 124 -4.31 -18.96 -0.56
C TRP B 124 -3.10 -19.18 -1.48
N GLU B 125 -2.08 -18.35 -1.34
CA GLU B 125 -0.90 -18.38 -2.20
C GLU B 125 0.34 -18.69 -1.35
N TYR B 126 0.64 -19.97 -1.12
CA TYR B 126 -0.07 -21.14 -1.65
C TYR B 126 -0.01 -22.22 -0.58
N PRO B 127 -0.86 -23.26 -0.68
CA PRO B 127 -0.69 -24.40 0.22
C PRO B 127 0.74 -24.90 0.11
N LYS B 128 1.35 -25.17 1.27
CA LYS B 128 2.73 -25.63 1.36
C LYS B 128 3.75 -24.55 1.01
N CYS B 129 3.70 -24.01 -0.22
CA CYS B 129 4.63 -22.97 -0.66
C CYS B 129 4.07 -21.59 -0.29
N TRP B 130 4.16 -21.26 1.00
CA TRP B 130 3.67 -19.96 1.46
C TRP B 130 4.42 -18.84 0.76
N GLN B 131 3.69 -18.02 0.01
CA GLN B 131 4.30 -17.00 -0.84
C GLN B 131 5.45 -17.59 -1.63
N VAL B 132 5.21 -18.79 -2.19
CA VAL B 132 6.09 -19.59 -3.05
C VAL B 132 7.39 -19.99 -2.35
N GLU B 133 7.38 -20.01 -1.02
CA GLU B 133 8.54 -20.51 -0.26
C GLU B 133 8.22 -21.94 0.17
N CYS B 134 8.56 -22.89 -0.69
CA CYS B 134 8.13 -24.27 -0.49
C CYS B 134 8.81 -24.94 0.72
N GLU B 135 9.91 -24.38 1.22
CA GLU B 135 10.53 -24.97 2.41
C GLU B 135 9.77 -24.64 3.69
N LYS B 136 8.82 -23.70 3.64
CA LYS B 136 8.20 -23.19 4.86
C LYS B 136 7.08 -24.09 5.35
N GLY B 137 6.19 -24.51 4.45
CA GLY B 137 4.99 -25.20 4.85
C GLY B 137 5.16 -26.71 4.92
N PRO B 138 4.28 -27.35 5.66
CA PRO B 138 4.31 -28.82 5.75
C PRO B 138 3.73 -29.47 4.50
N ASP B 139 4.24 -30.67 4.21
CA ASP B 139 3.67 -31.45 3.11
C ASP B 139 2.17 -31.64 3.28
N SER B 140 1.69 -31.71 4.53
CA SER B 140 0.28 -31.95 4.81
C SER B 140 -0.62 -30.78 4.42
N ASP B 141 -0.08 -29.63 4.02
CA ASP B 141 -0.93 -28.53 3.55
C ASP B 141 -1.77 -28.97 2.36
N LYS B 142 -1.23 -29.83 1.50
CA LYS B 142 -1.99 -30.28 0.34
C LYS B 142 -3.25 -31.01 0.77
N GLN B 143 -3.11 -31.94 1.71
CA GLN B 143 -4.24 -32.75 2.14
C GLN B 143 -5.20 -31.92 3.01
N GLY B 144 -4.65 -31.03 3.84
CA GLY B 144 -5.50 -30.15 4.64
C GLY B 144 -6.34 -29.23 3.79
N PHE B 145 -5.74 -28.64 2.75
CA PHE B 145 -6.48 -27.77 1.84
C PHE B 145 -7.58 -28.54 1.11
N ALA B 146 -7.25 -29.74 0.61
CA ALA B 146 -8.27 -30.56 -0.05
C ALA B 146 -9.41 -30.89 0.91
N ASP B 147 -9.09 -31.22 2.16
CA ASP B 147 -10.14 -31.51 3.14
C ASP B 147 -10.99 -30.28 3.44
N LEU B 148 -10.35 -29.11 3.56
CA LEU B 148 -11.12 -27.89 3.74
C LEU B 148 -12.09 -27.67 2.59
N VAL B 149 -11.60 -27.87 1.36
CA VAL B 149 -12.44 -27.69 0.18
C VAL B 149 -13.61 -28.67 0.19
N LYS B 150 -13.32 -29.93 0.50
CA LYS B 150 -14.37 -30.95 0.59
C LYS B 150 -15.43 -30.58 1.62
N GLU B 151 -15.00 -30.07 2.78
CA GLU B 151 -15.93 -29.75 3.84
C GLU B 151 -16.73 -28.49 3.51
N LEU B 152 -16.09 -27.49 2.89
CA LEU B 152 -16.83 -26.34 2.39
C LEU B 152 -17.86 -26.77 1.34
N ARG B 153 -17.47 -27.66 0.44
CA ARG B 153 -18.38 -28.14 -0.59
C ARG B 153 -19.65 -28.72 0.04
N LYS B 154 -19.48 -29.54 1.07
CA LYS B 154 -20.62 -30.18 1.72
C LYS B 154 -21.56 -29.14 2.31
N ALA B 155 -21.01 -28.20 3.07
CA ALA B 155 -21.84 -27.18 3.70
C ALA B 155 -22.46 -26.24 2.68
N PHE B 156 -21.70 -25.87 1.64
CA PHE B 156 -22.21 -24.95 0.64
C PHE B 156 -23.35 -25.59 -0.16
N ASN B 157 -23.26 -26.89 -0.41
CA ASN B 157 -24.30 -27.55 -1.19
C ASN B 157 -25.63 -27.56 -0.45
N ARG B 158 -25.61 -27.60 0.88
CA ARG B 158 -26.86 -27.42 1.63
C ARG B 158 -27.50 -26.05 1.38
N ARG B 159 -26.71 -25.08 0.93
CA ARG B 159 -27.17 -23.71 0.77
C ARG B 159 -27.22 -23.26 -0.69
N GLY B 160 -26.83 -24.10 -1.64
CA GLY B 160 -26.78 -23.70 -3.03
C GLY B 160 -25.74 -22.65 -3.31
N MET B 161 -24.64 -22.65 -2.56
CA MET B 161 -23.58 -21.67 -2.68
C MET B 161 -22.46 -22.23 -3.53
N LEU B 162 -21.65 -21.33 -4.09
CA LEU B 162 -20.58 -21.70 -5.00
C LEU B 162 -19.24 -21.67 -4.28
N LEU B 163 -18.33 -22.55 -4.71
CA LEU B 163 -16.99 -22.62 -4.15
C LEU B 163 -15.97 -22.71 -5.27
N SER B 164 -14.99 -21.81 -5.27
CA SER B 164 -13.95 -21.78 -6.29
C SER B 164 -12.61 -21.53 -5.63
N ALA B 165 -11.53 -21.67 -6.41
CA ALA B 165 -10.20 -21.34 -5.93
C ALA B 165 -9.36 -20.78 -7.06
N ALA B 166 -8.50 -19.82 -6.71
CA ALA B 166 -7.44 -19.37 -7.59
C ALA B 166 -6.17 -20.14 -7.24
N VAL B 167 -5.48 -20.65 -8.26
CA VAL B 167 -4.40 -21.60 -8.06
C VAL B 167 -3.17 -21.24 -8.88
N SER B 168 -2.05 -21.78 -8.44
CA SER B 168 -0.75 -21.46 -9.01
C SER B 168 -0.62 -21.98 -10.44
N ALA B 169 0.16 -21.27 -11.24
CA ALA B 169 0.56 -21.71 -12.56
C ALA B 169 1.99 -22.25 -12.59
N SER B 170 2.62 -22.39 -11.43
CA SER B 170 3.97 -22.93 -11.32
C SER B 170 3.90 -24.44 -11.14
N LYS B 171 4.56 -25.18 -12.03
CA LYS B 171 4.57 -26.64 -11.93
C LYS B 171 5.05 -27.09 -10.55
N ARG B 172 6.17 -26.55 -10.10
CA ARG B 172 6.72 -26.85 -8.77
C ARG B 172 5.68 -26.68 -7.67
N VAL B 173 5.01 -25.52 -7.63
CA VAL B 173 4.03 -25.25 -6.59
C VAL B 173 2.81 -26.16 -6.76
N ILE B 174 2.37 -26.38 -8.00
CA ILE B 174 1.21 -27.23 -8.24
C ILE B 174 1.43 -28.63 -7.66
N ASP B 175 2.62 -29.18 -7.89
CA ASP B 175 2.97 -30.51 -7.39
C ASP B 175 2.94 -30.56 -5.86
N TYR B 176 3.35 -29.47 -5.21
CA TYR B 176 3.36 -29.43 -3.75
C TYR B 176 1.99 -29.17 -3.15
N ALA B 177 1.14 -28.40 -3.84
CA ALA B 177 0.01 -27.75 -3.17
C ALA B 177 -1.32 -28.43 -3.36
N TYR B 178 -1.57 -29.08 -4.50
CA TYR B 178 -2.93 -29.39 -4.91
C TYR B 178 -3.13 -30.89 -5.11
N ASN B 179 -4.17 -31.41 -4.48
CA ASN B 179 -4.79 -32.68 -4.86
C ASN B 179 -5.70 -32.34 -6.04
N VAL B 180 -5.15 -32.42 -7.25
CA VAL B 180 -5.87 -31.91 -8.42
C VAL B 180 -7.21 -32.61 -8.64
N PRO B 181 -7.29 -33.95 -8.62
CA PRO B 181 -8.61 -34.58 -8.82
C PRO B 181 -9.65 -34.16 -7.78
N ALA B 182 -9.25 -34.07 -6.51
CA ALA B 182 -10.21 -33.68 -5.48
C ALA B 182 -10.69 -32.25 -5.66
N LEU B 183 -9.77 -31.34 -6.00
CA LEU B 183 -10.15 -29.94 -6.21
C LEU B 183 -11.04 -29.81 -7.43
N SER B 184 -10.67 -30.45 -8.54
CA SER B 184 -11.50 -30.43 -9.73
C SER B 184 -12.92 -30.90 -9.44
N MET B 185 -13.05 -31.95 -8.64
CA MET B 185 -14.39 -32.48 -8.39
C MET B 185 -15.20 -31.56 -7.47
N ASN B 186 -14.54 -30.94 -6.50
CA ASN B 186 -15.24 -30.22 -5.44
C ASN B 186 -15.41 -28.74 -5.71
N LEU B 187 -14.72 -28.18 -6.71
CA LEU B 187 -14.81 -26.76 -6.99
C LEU B 187 -15.73 -26.53 -8.18
N ASP B 188 -16.48 -25.43 -8.13
CA ASP B 188 -17.30 -25.05 -9.28
C ASP B 188 -16.44 -24.57 -10.43
N TRP B 189 -15.28 -23.99 -10.12
CA TRP B 189 -14.26 -23.75 -11.13
C TRP B 189 -12.93 -23.55 -10.44
N ILE B 190 -11.87 -23.74 -11.21
CA ILE B 190 -10.49 -23.54 -10.78
C ILE B 190 -9.95 -22.41 -11.64
N SER B 191 -9.62 -21.27 -11.02
CA SER B 191 -9.05 -20.14 -11.75
C SER B 191 -7.53 -20.26 -11.77
N LEU B 192 -6.98 -20.60 -12.93
CA LEU B 192 -5.52 -20.66 -13.09
C LEU B 192 -4.94 -19.25 -13.10
N MET B 193 -4.03 -18.97 -12.18
CA MET B 193 -3.36 -17.68 -12.15
C MET B 193 -2.21 -17.70 -13.15
N THR B 194 -2.59 -17.77 -14.42
CA THR B 194 -1.67 -17.90 -15.55
C THR B 194 -1.08 -16.54 -15.92
N TYR B 195 -0.35 -15.96 -14.96
CA TYR B 195 0.33 -14.68 -15.15
C TYR B 195 1.40 -14.57 -14.06
N ASP B 196 2.17 -13.48 -14.13
CA ASP B 196 3.34 -13.29 -13.26
C ASP B 196 4.35 -14.42 -13.42
N TYR B 197 4.43 -14.99 -14.62
CA TYR B 197 5.50 -15.94 -14.90
C TYR B 197 6.87 -15.27 -14.84
N HIS B 198 6.90 -13.97 -15.13
CA HIS B 198 8.14 -13.21 -15.16
C HIS B 198 7.88 -11.83 -14.58
N GLY B 199 8.94 -11.26 -14.02
CA GLY B 199 8.87 -9.95 -13.38
C GLY B 199 10.26 -9.55 -12.96
N GLN B 200 10.35 -8.36 -12.35
CA GLN B 200 11.66 -7.80 -12.00
C GLN B 200 12.49 -8.74 -11.14
N TRP B 201 11.86 -9.66 -10.41
CA TRP B 201 12.60 -10.61 -9.58
C TRP B 201 13.50 -11.51 -10.42
N ASP B 202 13.23 -11.68 -11.72
CA ASP B 202 14.10 -12.45 -12.60
C ASP B 202 15.41 -11.75 -12.90
N LYS B 203 15.49 -10.44 -12.62
CA LYS B 203 16.61 -9.56 -12.98
C LYS B 203 16.88 -9.54 -14.48
N LYS B 204 15.84 -9.78 -15.27
CA LYS B 204 15.92 -9.61 -16.71
C LYS B 204 14.50 -9.53 -17.24
N THR B 205 14.35 -8.89 -18.40
CA THR B 205 13.04 -8.68 -18.99
C THR B 205 12.41 -9.99 -19.43
N GLY B 206 11.10 -10.08 -19.26
CA GLY B 206 10.36 -11.27 -19.65
C GLY B 206 8.89 -10.91 -19.67
N HIS B 207 8.09 -11.76 -20.30
CA HIS B 207 6.68 -11.46 -20.44
C HIS B 207 5.88 -11.95 -19.24
N VAL B 208 4.94 -11.10 -18.79
CA VAL B 208 4.14 -11.40 -17.61
C VAL B 208 3.37 -12.72 -17.76
N ALA B 209 2.97 -13.07 -18.99
CA ALA B 209 2.10 -14.22 -19.20
C ALA B 209 2.32 -14.79 -20.60
N PRO B 210 3.46 -15.45 -20.82
CA PRO B 210 3.70 -16.09 -22.12
C PRO B 210 2.65 -17.15 -22.42
N MET B 211 2.21 -17.19 -23.69
CA MET B 211 1.19 -18.16 -24.08
C MET B 211 1.80 -19.51 -24.43
N TYR B 212 2.83 -19.51 -25.27
CA TYR B 212 3.49 -20.73 -25.73
C TYR B 212 4.99 -20.62 -25.48
N VAL B 213 5.67 -21.77 -25.63
CA VAL B 213 7.13 -21.78 -25.49
C VAL B 213 7.75 -20.81 -26.48
N HIS B 214 8.77 -20.08 -26.00
CA HIS B 214 9.53 -19.13 -26.79
C HIS B 214 10.98 -19.58 -26.84
N ASP B 215 11.69 -19.25 -27.93
CA ASP B 215 13.05 -19.76 -28.07
C ASP B 215 13.99 -19.20 -27.02
N LYS B 216 13.72 -18.01 -26.49
CA LYS B 216 14.52 -17.43 -25.43
C LYS B 216 14.20 -18.01 -24.05
N ASP B 217 13.26 -18.94 -23.95
CA ASP B 217 12.87 -19.46 -22.64
C ASP B 217 13.99 -20.29 -22.03
N THR B 218 14.19 -20.13 -20.73
CA THR B 218 15.08 -21.00 -19.97
C THR B 218 14.33 -22.14 -19.28
N ASP B 219 13.02 -22.02 -19.15
CA ASP B 219 12.18 -23.06 -18.55
C ASP B 219 10.93 -23.18 -19.41
N ASN B 220 10.73 -24.36 -20.01
CA ASN B 220 9.65 -24.57 -20.95
C ASN B 220 8.31 -24.84 -20.28
N THR B 221 8.23 -24.73 -18.96
CA THR B 221 6.95 -24.84 -18.26
C THR B 221 6.35 -23.49 -17.90
N PHE B 222 7.06 -22.40 -18.18
CA PHE B 222 6.61 -21.05 -17.80
C PHE B 222 5.78 -20.40 -18.91
N ASN B 223 4.66 -21.04 -19.24
CA ASN B 223 3.76 -20.49 -20.23
C ASN B 223 2.36 -21.07 -19.99
N VAL B 224 1.35 -20.33 -20.46
CA VAL B 224 -0.04 -20.69 -20.18
C VAL B 224 -0.36 -22.07 -20.74
N ASN B 225 0.08 -22.35 -21.96
CA ASN B 225 -0.27 -23.60 -22.61
C ASN B 225 0.23 -24.79 -21.80
N PHE B 226 1.46 -24.71 -21.25
CA PHE B 226 1.92 -25.79 -20.40
C PHE B 226 1.07 -25.91 -19.14
N THR B 227 0.83 -24.78 -18.46
CA THR B 227 0.06 -24.81 -17.22
C THR B 227 -1.30 -25.50 -17.42
N VAL B 228 -2.01 -25.13 -18.48
CA VAL B 228 -3.34 -25.68 -18.72
C VAL B 228 -3.24 -27.18 -18.97
N ASN B 229 -2.35 -27.59 -19.88
CA ASN B 229 -2.21 -29.01 -20.14
C ASN B 229 -1.71 -29.77 -18.92
N TYR B 230 -0.91 -29.12 -18.07
CA TYR B 230 -0.44 -29.79 -16.87
C TYR B 230 -1.58 -30.08 -15.90
N TRP B 231 -2.47 -29.11 -15.68
CA TRP B 231 -3.64 -29.36 -14.84
C TRP B 231 -4.50 -30.49 -15.42
N ILE B 232 -4.70 -30.51 -16.74
CA ILE B 232 -5.47 -31.58 -17.37
C ILE B 232 -4.78 -32.93 -17.14
N ASN B 233 -3.47 -32.99 -17.36
CA ASN B 233 -2.74 -34.24 -17.19
C ASN B 233 -2.72 -34.68 -15.73
N LYS B 234 -2.83 -33.74 -14.79
CA LYS B 234 -2.91 -34.09 -13.38
C LYS B 234 -4.30 -34.56 -12.97
N GLY B 235 -5.26 -34.56 -13.89
CA GLY B 235 -6.58 -35.10 -13.62
C GLY B 235 -7.72 -34.10 -13.55
N ALA B 236 -7.49 -32.85 -13.89
CA ALA B 236 -8.53 -31.84 -13.79
C ALA B 236 -9.53 -31.99 -14.93
N ASP B 237 -10.79 -31.83 -14.59
CA ASP B 237 -11.85 -31.70 -15.58
C ASP B 237 -11.61 -30.40 -16.34
N ARG B 238 -11.52 -30.49 -17.66
CA ARG B 238 -11.29 -29.33 -18.49
C ARG B 238 -12.36 -28.27 -18.26
N LYS B 239 -13.59 -28.69 -18.07
CA LYS B 239 -14.67 -27.74 -17.89
C LYS B 239 -14.42 -26.87 -16.68
N LYS B 240 -13.78 -27.44 -15.68
CA LYS B 240 -13.55 -26.75 -14.42
C LYS B 240 -12.41 -25.69 -14.48
N LEU B 241 -11.61 -25.74 -15.53
CA LEU B 241 -10.44 -24.88 -15.65
C LEU B 241 -10.82 -23.54 -16.26
N VAL B 242 -10.45 -22.46 -15.56
CA VAL B 242 -10.69 -21.09 -16.02
C VAL B 242 -9.33 -20.41 -16.15
N VAL B 243 -9.05 -19.90 -17.34
CA VAL B 243 -7.72 -19.39 -17.67
C VAL B 243 -7.66 -17.90 -17.36
N GLY B 244 -6.82 -17.54 -16.40
CA GLY B 244 -6.66 -16.14 -16.02
C GLY B 244 -5.91 -15.34 -17.07
N VAL B 245 -6.32 -14.08 -17.22
CA VAL B 245 -5.68 -13.13 -18.13
C VAL B 245 -5.32 -11.88 -17.32
N PRO B 246 -4.07 -11.42 -17.36
CA PRO B 246 -3.70 -10.21 -16.62
C PRO B 246 -4.10 -8.96 -17.39
N PHE B 247 -4.69 -8.01 -16.69
CA PHE B 247 -5.03 -6.69 -17.25
C PHE B 247 -3.98 -5.64 -16.90
N TYR B 248 -2.73 -6.07 -16.72
CA TYR B 248 -1.66 -5.20 -16.28
C TYR B 248 -0.36 -5.76 -16.84
N GLY B 249 0.69 -4.96 -16.75
CA GLY B 249 2.00 -5.37 -17.21
C GLY B 249 3.01 -5.43 -16.08
N GLN B 250 4.03 -6.26 -16.25
CA GLN B 250 5.18 -6.28 -15.36
C GLN B 250 6.24 -5.37 -15.96
N SER B 251 6.71 -4.39 -15.17
CA SER B 251 7.62 -3.37 -15.65
C SER B 251 9.02 -3.55 -15.07
N PHE B 252 10.01 -3.06 -15.83
CA PHE B 252 11.41 -3.25 -15.49
C PHE B 252 12.17 -1.97 -15.78
N SER B 253 13.26 -1.75 -15.07
CA SER B 253 14.27 -0.76 -15.43
C SER B 253 15.48 -1.50 -15.95
N VAL B 254 15.86 -1.23 -17.20
CA VAL B 254 16.84 -2.03 -17.92
C VAL B 254 18.23 -1.42 -17.76
N VAL B 255 19.24 -2.29 -17.63
CA VAL B 255 20.63 -1.83 -17.57
C VAL B 255 20.96 -0.99 -18.78
N GLU B 256 21.64 0.14 -18.53
CA GLU B 256 22.09 1.00 -19.63
C GLU B 256 22.92 0.21 -20.63
N GLY B 257 22.57 0.38 -21.91
CA GLY B 257 23.27 -0.28 -22.99
C GLY B 257 22.90 -1.73 -23.22
N ALA B 258 21.92 -2.27 -22.50
CA ALA B 258 21.53 -3.66 -22.68
C ALA B 258 20.49 -3.87 -23.76
N GLY B 259 19.99 -2.80 -24.37
CA GLY B 259 18.98 -2.95 -25.40
C GLY B 259 17.58 -3.09 -24.84
N THR B 260 16.65 -3.42 -25.74
CA THR B 260 15.24 -3.53 -25.40
C THR B 260 14.68 -4.93 -25.58
N GLY B 261 15.53 -5.93 -25.79
CA GLY B 261 15.02 -7.25 -26.08
C GLY B 261 14.58 -8.03 -24.86
N LEU B 262 14.00 -9.20 -25.12
CA LEU B 262 13.69 -10.15 -24.06
C LEU B 262 14.97 -10.69 -23.45
N GLY B 263 14.94 -10.87 -22.14
CA GLY B 263 16.11 -11.37 -21.45
C GLY B 263 17.17 -10.32 -21.17
N ALA B 264 16.91 -9.06 -21.48
CA ALA B 264 17.86 -8.01 -21.20
C ALA B 264 18.02 -7.81 -19.69
N PRO B 265 19.24 -7.66 -19.18
CA PRO B 265 19.43 -7.50 -17.74
C PRO B 265 18.78 -6.23 -17.21
N THR B 266 18.21 -6.33 -16.02
CA THR B 266 17.51 -5.23 -15.38
C THR B 266 18.07 -5.00 -13.99
N TYR B 267 17.90 -3.77 -13.48
CA TYR B 267 18.40 -3.41 -12.17
C TYR B 267 17.32 -3.04 -11.17
N ALA B 268 16.07 -2.90 -11.60
CA ALA B 268 14.97 -2.57 -10.69
C ALA B 268 13.67 -2.84 -11.45
N GLY B 269 12.57 -2.81 -10.71
CA GLY B 269 11.29 -2.72 -11.37
C GLY B 269 11.15 -1.40 -12.09
N GLY B 270 10.15 -1.34 -12.97
CA GLY B 270 9.88 -0.08 -13.65
C GLY B 270 9.38 0.98 -12.70
N GLU B 271 9.58 2.24 -13.09
CA GLU B 271 9.01 3.36 -12.38
C GLU B 271 7.50 3.17 -12.22
N ALA B 272 6.98 3.54 -11.05
CA ALA B 272 5.57 3.33 -10.78
C ALA B 272 4.70 4.24 -11.66
N GLY B 273 3.51 3.74 -11.99
CA GLY B 273 2.54 4.52 -12.73
C GLY B 273 1.86 5.56 -11.85
N ASP B 274 1.29 6.59 -12.51
CA ASP B 274 0.67 7.70 -11.79
C ASP B 274 -0.54 7.24 -10.96
N GLU B 275 -1.30 6.27 -11.45
CA GLU B 275 -2.53 5.85 -10.79
C GLU B 275 -2.37 4.60 -9.92
N THR B 276 -1.62 3.59 -10.37
CA THR B 276 -1.48 2.40 -9.54
C THR B 276 -0.34 2.51 -8.53
N ARG B 277 0.66 3.35 -8.81
CA ARG B 277 1.69 3.75 -7.83
C ARG B 277 2.34 2.55 -7.13
N ALA B 278 2.77 1.60 -7.93
CA ALA B 278 3.47 0.46 -7.48
C ALA B 278 4.62 0.12 -8.45
N ARG B 279 5.85 0.24 -7.97
CA ARG B 279 7.02 -0.10 -8.77
C ARG B 279 6.93 -1.53 -9.31
N GLY B 280 7.27 -1.69 -10.58
CA GLY B 280 7.26 -2.97 -11.26
C GLY B 280 5.92 -3.41 -11.86
N PHE B 281 4.94 -2.51 -11.83
CA PHE B 281 3.56 -2.80 -12.18
C PHE B 281 2.98 -1.61 -12.93
N LEU B 282 2.24 -1.88 -14.00
CA LEU B 282 1.51 -0.84 -14.72
C LEU B 282 0.19 -1.42 -15.19
N SER B 283 -0.90 -0.68 -14.95
CA SER B 283 -2.19 -1.10 -15.47
C SER B 283 -2.21 -1.01 -16.99
N PHE B 284 -3.16 -1.72 -17.61
CA PHE B 284 -3.30 -1.61 -19.05
C PHE B 284 -3.55 -0.16 -19.46
N TYR B 285 -4.36 0.58 -18.69
CA TYR B 285 -4.64 1.96 -19.11
C TYR B 285 -3.40 2.85 -18.97
N GLU B 286 -2.55 2.58 -17.97
CA GLU B 286 -1.28 3.29 -17.86
C GLU B 286 -0.34 2.97 -19.02
N ILE B 287 -0.37 1.73 -19.49
CA ILE B 287 0.41 1.36 -20.67
C ILE B 287 -0.13 2.06 -21.90
N CYS B 288 -1.45 2.16 -22.02
CA CYS B 288 -2.04 2.88 -23.15
C CYS B 288 -1.58 4.33 -23.17
N GLU B 289 -1.61 5.01 -22.02
CA GLU B 289 -1.15 6.40 -22.00
C GLU B 289 0.29 6.53 -22.49
N ARG B 290 1.15 5.59 -22.09
CA ARG B 290 2.54 5.64 -22.48
C ARG B 290 2.70 5.45 -23.99
N VAL B 291 1.97 4.50 -24.57
CA VAL B 291 2.05 4.29 -26.02
C VAL B 291 1.43 5.47 -26.75
N LYS B 292 0.24 5.91 -26.30
CA LYS B 292 -0.51 6.93 -27.04
C LYS B 292 0.08 8.32 -26.87
N VAL B 293 0.50 8.67 -25.65
CA VAL B 293 0.88 10.04 -25.34
C VAL B 293 2.39 10.21 -25.15
N LYS B 294 3.08 9.22 -24.57
CA LYS B 294 4.48 9.35 -24.22
C LYS B 294 5.43 8.72 -25.23
N GLY B 295 4.91 8.21 -26.34
CA GLY B 295 5.76 7.71 -27.40
C GLY B 295 6.44 6.39 -27.14
N TRP B 296 5.95 5.60 -26.20
CA TRP B 296 6.56 4.29 -25.98
C TRP B 296 6.36 3.41 -27.20
N LYS B 297 7.36 2.58 -27.48
CA LYS B 297 7.40 1.76 -28.69
C LYS B 297 6.91 0.36 -28.36
N VAL B 298 6.03 -0.17 -29.22
CA VAL B 298 5.44 -1.49 -29.02
C VAL B 298 6.25 -2.52 -29.80
N HIS B 299 6.63 -3.61 -29.13
CA HIS B 299 7.37 -4.70 -29.74
C HIS B 299 6.51 -5.95 -29.71
N ARG B 300 6.33 -6.59 -30.85
CA ARG B 300 5.48 -7.77 -30.94
C ARG B 300 6.28 -9.00 -31.35
N ASP B 301 5.73 -10.16 -31.02
CA ASP B 301 6.31 -11.43 -31.41
C ASP B 301 5.59 -11.91 -32.67
N PRO B 302 6.24 -11.89 -33.83
CA PRO B 302 5.56 -12.35 -35.05
C PRO B 302 5.08 -13.79 -34.95
N GLY B 303 5.69 -14.60 -34.09
CA GLY B 303 5.27 -15.98 -33.89
C GLY B 303 4.04 -16.18 -33.04
N GLY B 304 3.56 -15.14 -32.36
CA GLY B 304 2.37 -15.27 -31.56
C GLY B 304 2.51 -16.07 -30.29
N ARG B 305 3.73 -16.21 -29.77
CA ARG B 305 3.95 -17.00 -28.57
C ARG B 305 3.81 -16.17 -27.29
N ILE B 306 4.12 -14.87 -27.37
CA ILE B 306 3.96 -13.96 -26.24
C ILE B 306 3.24 -12.72 -26.73
N GLY B 307 2.61 -12.02 -25.79
CA GLY B 307 2.01 -10.73 -26.08
C GLY B 307 3.06 -9.67 -26.27
N PRO B 308 2.64 -8.42 -26.42
CA PRO B 308 3.57 -7.33 -26.69
C PRO B 308 4.34 -6.91 -25.45
N TYR B 309 5.36 -6.09 -25.68
CA TYR B 309 5.96 -5.28 -24.64
C TYR B 309 6.25 -3.89 -25.19
N ALA B 310 6.34 -2.92 -24.29
CA ALA B 310 6.52 -1.52 -24.64
C ALA B 310 7.76 -0.97 -23.95
N THR B 311 8.45 -0.04 -24.62
CA THR B 311 9.72 0.47 -24.13
C THR B 311 9.81 1.98 -24.33
N HIS B 312 10.57 2.62 -23.43
CA HIS B 312 10.92 4.04 -23.54
C HIS B 312 12.07 4.27 -22.58
N ASP B 313 13.13 4.94 -23.07
CA ASP B 313 14.38 5.11 -22.34
C ASP B 313 14.80 3.75 -21.77
N ASP B 314 15.04 3.64 -20.47
CA ASP B 314 15.39 2.34 -19.90
C ASP B 314 14.17 1.61 -19.31
N GLN B 315 12.96 2.03 -19.64
CA GLN B 315 11.75 1.40 -19.13
C GLN B 315 11.23 0.34 -20.09
N TRP B 316 10.59 -0.69 -19.53
CA TRP B 316 10.24 -1.90 -20.26
C TRP B 316 9.09 -2.59 -19.55
N VAL B 317 7.97 -2.79 -20.25
CA VAL B 317 6.79 -3.42 -19.64
C VAL B 317 6.18 -4.41 -20.63
N SER B 318 5.93 -5.64 -20.16
CA SER B 318 5.28 -6.68 -20.93
C SER B 318 3.84 -6.85 -20.46
N PHE B 319 2.94 -7.17 -21.39
CA PHE B 319 1.51 -7.14 -21.10
C PHE B 319 0.77 -7.88 -22.20
N ASP B 320 -0.50 -8.19 -21.92
CA ASP B 320 -1.41 -8.71 -22.93
C ASP B 320 -2.26 -7.56 -23.48
N ASP B 321 -2.38 -7.50 -24.80
CA ASP B 321 -3.26 -6.53 -25.44
C ASP B 321 -4.56 -7.21 -25.89
N ASP B 322 -5.38 -6.47 -26.63
CA ASP B 322 -6.65 -7.01 -27.13
C ASP B 322 -6.45 -8.30 -27.92
N PHE B 323 -5.39 -8.35 -28.75
CA PHE B 323 -5.18 -9.49 -29.60
C PHE B 323 -4.81 -10.73 -28.80
N MET B 324 -3.97 -10.59 -27.78
CA MET B 324 -3.62 -11.75 -26.99
C MET B 324 -4.74 -12.15 -26.04
N ALA B 325 -5.46 -11.16 -25.50
CA ALA B 325 -6.66 -11.49 -24.71
C ALA B 325 -7.65 -12.27 -25.56
N ARG B 326 -7.84 -11.86 -26.82
CA ARG B 326 -8.73 -12.59 -27.71
C ARG B 326 -8.21 -14.00 -27.95
N HIS B 327 -6.91 -14.13 -28.23
CA HIS B 327 -6.36 -15.45 -28.48
C HIS B 327 -6.54 -16.37 -27.27
N LYS B 328 -6.31 -15.85 -26.06
CA LYS B 328 -6.43 -16.70 -24.88
C LYS B 328 -7.88 -17.13 -24.65
N ALA B 329 -8.85 -16.27 -24.97
CA ALA B 329 -10.24 -16.70 -24.92
C ALA B 329 -10.55 -17.71 -26.01
N GLU B 330 -10.00 -17.52 -27.20
CA GLU B 330 -10.24 -18.51 -28.25
C GLU B 330 -9.57 -19.83 -27.93
N TYR B 331 -8.41 -19.79 -27.26
CA TYR B 331 -7.79 -21.00 -26.74
C TYR B 331 -8.72 -21.73 -25.76
N VAL B 332 -9.34 -20.97 -24.84
CA VAL B 332 -10.30 -21.55 -23.90
C VAL B 332 -11.40 -22.29 -24.66
N ARG B 333 -11.89 -21.70 -25.76
CA ARG B 333 -12.96 -22.36 -26.51
C ARG B 333 -12.46 -23.58 -27.27
N ALA B 334 -11.30 -23.47 -27.93
CA ALA B 334 -10.75 -24.61 -28.66
C ALA B 334 -10.44 -25.78 -27.73
N MET B 335 -9.85 -25.48 -26.57
CA MET B 335 -9.56 -26.49 -25.56
C MET B 335 -10.79 -26.95 -24.78
N GLU B 336 -11.95 -26.32 -25.00
CA GLU B 336 -13.21 -26.67 -24.33
C GLU B 336 -13.06 -26.58 -22.81
N LEU B 337 -12.50 -25.48 -22.34
CA LEU B 337 -12.25 -25.26 -20.93
C LEU B 337 -13.49 -24.61 -20.29
N GLY B 338 -13.36 -24.22 -19.03
CA GLY B 338 -14.50 -23.65 -18.33
C GLY B 338 -14.75 -22.18 -18.61
N GLY B 339 -13.71 -21.43 -18.94
CA GLY B 339 -13.89 -20.03 -19.24
C GLY B 339 -12.59 -19.27 -19.02
N SER B 340 -12.72 -17.94 -18.91
CA SER B 340 -11.59 -17.05 -18.68
C SER B 340 -11.81 -16.26 -17.41
N MET B 341 -10.70 -15.84 -16.81
CA MET B 341 -10.72 -15.05 -15.59
C MET B 341 -9.95 -13.75 -15.84
N ALA B 342 -10.42 -12.66 -15.24
CA ALA B 342 -9.87 -11.34 -15.48
C ALA B 342 -9.26 -10.80 -14.19
N TRP B 343 -7.96 -10.54 -14.23
CA TRP B 343 -7.22 -10.04 -13.07
C TRP B 343 -6.54 -8.73 -13.44
N SER B 344 -7.18 -7.59 -13.13
CA SER B 344 -8.51 -7.48 -12.54
C SER B 344 -9.27 -6.32 -13.22
N LEU B 345 -10.58 -6.23 -12.96
CA LEU B 345 -11.46 -5.28 -13.65
C LEU B 345 -10.90 -3.86 -13.67
N ASP B 346 -10.35 -3.43 -12.53
CA ASP B 346 -9.92 -2.06 -12.31
C ASP B 346 -8.64 -1.70 -13.04
N LEU B 347 -7.96 -2.68 -13.65
CA LEU B 347 -6.72 -2.40 -14.38
C LEU B 347 -6.92 -2.31 -15.88
N ASP B 348 -8.04 -2.83 -16.39
CA ASP B 348 -8.52 -2.56 -17.74
C ASP B 348 -8.71 -1.06 -17.95
N ASP B 349 -8.84 -0.65 -19.21
CA ASP B 349 -9.23 0.74 -19.50
C ASP B 349 -10.74 0.87 -19.32
N PHE B 350 -11.17 0.75 -18.06
CA PHE B 350 -12.60 0.66 -17.77
C PHE B 350 -13.34 1.96 -18.07
N THR B 351 -12.66 3.11 -18.04
CA THR B 351 -13.31 4.36 -18.43
C THR B 351 -13.31 4.58 -19.93
N GLY B 352 -12.47 3.86 -20.68
CA GLY B 352 -12.31 4.09 -22.10
C GLY B 352 -11.48 5.31 -22.46
N LYS B 353 -10.99 6.05 -21.48
CA LYS B 353 -10.35 7.33 -21.74
C LYS B 353 -8.87 7.22 -22.12
N TYR B 354 -8.23 6.09 -21.85
CA TYR B 354 -6.78 5.98 -22.03
C TYR B 354 -6.39 5.34 -23.35
N CYS B 355 -7.11 4.33 -23.79
CA CYS B 355 -6.77 3.62 -25.00
C CYS B 355 -7.62 4.05 -26.18
N GLY B 356 -8.74 4.73 -25.95
CA GLY B 356 -9.62 5.11 -27.04
C GLY B 356 -10.26 3.95 -27.76
N CYS B 357 -10.46 2.83 -27.08
N CYS B 357 -10.46 2.82 -27.05
CA CYS B 357 -11.02 1.63 -27.71
CA CYS B 357 -11.00 1.60 -27.64
C CYS B 357 -12.34 1.22 -27.06
C CYS B 357 -12.35 1.21 -27.03
N GLY B 358 -13.08 2.17 -26.49
CA GLY B 358 -14.30 1.87 -25.78
C GLY B 358 -14.01 1.48 -24.35
N LYS B 359 -15.07 1.34 -23.57
CA LYS B 359 -14.93 1.01 -22.17
C LYS B 359 -14.56 -0.45 -21.99
N ALA B 360 -13.62 -0.71 -21.09
CA ALA B 360 -13.21 -2.06 -20.73
C ALA B 360 -12.85 -2.91 -21.96
N PRO B 361 -11.85 -2.48 -22.77
CA PRO B 361 -11.58 -3.21 -24.02
C PRO B 361 -11.09 -4.64 -23.82
N LEU B 362 -10.21 -4.89 -22.86
CA LEU B 362 -9.75 -6.26 -22.64
C LEU B 362 -10.89 -7.17 -22.22
N LEU B 363 -11.71 -6.73 -21.27
CA LEU B 363 -12.82 -7.56 -20.82
C LEU B 363 -13.88 -7.74 -21.90
N THR B 364 -14.14 -6.67 -22.67
CA THR B 364 -15.11 -6.78 -23.76
C THR B 364 -14.66 -7.80 -24.80
N THR B 365 -13.37 -7.81 -25.12
CA THR B 365 -12.83 -8.78 -26.06
C THR B 365 -13.06 -10.22 -25.58
N ILE B 366 -12.84 -10.48 -24.29
CA ILE B 366 -13.04 -11.81 -23.75
C ILE B 366 -14.52 -12.21 -23.82
N ASN B 367 -15.42 -11.28 -23.48
CA ASN B 367 -16.85 -11.57 -23.56
C ASN B 367 -17.29 -11.80 -25.00
N HIS B 368 -16.68 -11.07 -25.93
CA HIS B 368 -16.98 -11.26 -27.35
C HIS B 368 -16.73 -12.70 -27.77
N VAL B 369 -15.58 -13.25 -27.39
CA VAL B 369 -15.21 -14.60 -27.82
C VAL B 369 -16.05 -15.64 -27.09
N LEU B 370 -16.18 -15.52 -25.77
CA LEU B 370 -16.74 -16.60 -24.95
C LEU B 370 -18.25 -16.56 -24.84
N ARG B 371 -18.85 -15.38 -24.94
CA ARG B 371 -20.29 -15.22 -24.72
C ARG B 371 -20.99 -14.56 -25.89
N GLY B 372 -20.30 -14.36 -27.02
CA GLY B 372 -20.95 -13.82 -28.19
C GLY B 372 -21.42 -12.40 -28.09
N LYS B 373 -20.98 -11.65 -27.08
CA LYS B 373 -21.32 -10.23 -27.00
C LYS B 373 -20.70 -9.49 -28.17
N GLU B 374 -21.54 -8.77 -28.93
CA GLU B 374 -21.03 -7.93 -30.00
C GLU B 374 -20.02 -6.94 -29.42
N ALA B 375 -19.00 -6.63 -30.21
CA ALA B 375 -17.89 -5.83 -29.72
C ALA B 375 -17.24 -5.11 -30.88
N PRO B 376 -16.54 -4.01 -30.62
CA PRO B 376 -15.69 -3.42 -31.64
C PRO B 376 -14.50 -4.32 -31.92
N PRO B 377 -13.77 -4.10 -33.01
CA PRO B 377 -12.58 -4.91 -33.27
C PRO B 377 -11.51 -4.61 -32.24
N PRO B 378 -10.49 -5.46 -32.13
CA PRO B 378 -9.39 -5.16 -31.21
C PRO B 378 -8.74 -3.86 -31.64
N CYS B 379 -8.31 -3.06 -30.68
N CYS B 379 -8.31 -3.07 -30.67
CA CYS B 379 -7.61 -1.85 -31.03
CA CYS B 379 -7.59 -1.86 -31.02
C CYS B 379 -6.11 -2.09 -31.02
C CYS B 379 -6.10 -2.13 -31.04
N ILE B 380 -5.44 -1.58 -32.06
CA ILE B 380 -4.01 -1.73 -32.24
C ILE B 380 -3.37 -0.57 -31.51
N LEU B 381 -2.62 -0.87 -30.46
CA LEU B 381 -2.06 0.17 -29.59
C LEU B 381 -1.28 1.21 -30.39
N HIS B 382 -0.53 0.74 -31.32
CA HIS B 382 0.33 1.51 -32.16
C HIS B 382 -0.39 2.52 -33.05
N GLU B 383 -1.67 2.37 -33.30
CA GLU B 383 -2.45 3.30 -34.12
C GLU B 383 -2.76 4.62 -33.42
#